data_2R11
#
_entry.id   2R11
#
_cell.length_a   80.590
_cell.length_b   97.550
_cell.length_c   88.270
_cell.angle_alpha   90.000
_cell.angle_beta   110.010
_cell.angle_gamma   90.000
#
_symmetry.space_group_name_H-M   'P 1 21 1'
#
loop_
_entity.id
_entity.type
_entity.pdbx_description
1 polymer 'Carboxylesterase NP'
2 non-polymer 'CHLORIDE ION'
3 non-polymer 'MAGNESIUM ION'
4 non-polymer 1,2-ETHANEDIOL
5 non-polymer 'TRIETHYLENE GLYCOL'
6 water water
#
_entity_poly.entity_id   1
_entity_poly.type   'polypeptide(L)'
_entity_poly.pdbx_seq_one_letter_code
;(MSE)GSDKIHHHHHH(MSE)SNHSSSIPELSDNGIRYYQTYNESLSLWPVRCKSFYISTRFGQTHVIASGPEDAPPLVL
LHGALFSST(MSE)WYPNIADWSSKYRTYAVDIIGDKNKSIPENVSGTRTDYANWLLDVFDNLGIEKSH(MSE)IGLSLG
GLHT(MSE)NFLLR(MSE)PERVKSAAILSPAETFLPFHHDFYKYALGLTASNGVETFLNW(MSE)(MSE)NDQNVLHPI
FVKQFKAGV(MSE)WQDGSRNPNPNADGFPYVFTDEELRSARVPILLLLGEHEVIYDPHSALHRASSFVPDIEAEVIKNA
GHVLS(MSE)EQPTYVNERV(MSE)RFFNA
;
_entity_poly.pdbx_strand_id   A,B,C,D
#
# COMPACT_ATOMS: atom_id res chain seq x y z
N LEU A 23 -28.52 11.60 -21.05
CA LEU A 23 -27.48 11.35 -20.01
C LEU A 23 -27.87 10.25 -19.04
N SER A 24 -26.94 9.34 -18.79
CA SER A 24 -27.15 8.25 -17.84
C SER A 24 -26.91 8.77 -16.44
N ASP A 25 -27.18 7.93 -15.46
CA ASP A 25 -26.97 8.29 -14.07
C ASP A 25 -25.49 8.54 -13.76
N ASN A 26 -24.59 7.74 -14.35
CA ASN A 26 -23.16 7.99 -14.18
C ASN A 26 -22.75 9.31 -14.86
N GLY A 27 -23.44 9.65 -15.95
CA GLY A 27 -23.17 10.89 -16.67
C GLY A 27 -23.70 12.09 -15.92
N ILE A 28 -24.84 11.91 -15.25
CA ILE A 28 -25.41 12.97 -14.43
C ILE A 28 -24.47 13.22 -13.26
N ARG A 29 -23.99 12.14 -12.66
CA ARG A 29 -23.03 12.24 -11.56
C ARG A 29 -21.72 12.88 -12.01
N TYR A 30 -21.31 12.65 -13.26
CA TYR A 30 -20.06 13.23 -13.76
C TYR A 30 -20.25 14.73 -13.92
N TYR A 31 -21.36 15.12 -14.52
CA TYR A 31 -21.70 16.52 -14.67
C TYR A 31 -21.69 17.26 -13.31
N GLN A 32 -22.21 16.61 -12.27
CA GLN A 32 -22.22 17.18 -10.93
C GLN A 32 -20.79 17.44 -10.44
N THR A 33 -19.91 16.48 -10.65
CA THR A 33 -18.54 16.60 -10.17
C THR A 33 -17.78 17.70 -10.88
N TYR A 34 -18.12 17.89 -12.17
CA TYR A 34 -17.55 18.93 -13.04
C TYR A 34 -17.91 20.30 -12.48
N ASN A 35 -19.17 20.46 -12.11
CA ASN A 35 -19.66 21.73 -11.55
C ASN A 35 -19.00 22.06 -10.22
N GLU A 36 -18.86 21.06 -9.36
CA GLU A 36 -18.12 21.22 -8.10
C GLU A 36 -16.66 21.58 -8.34
N SER A 37 -16.07 21.03 -9.40
CA SER A 37 -14.69 21.35 -9.74
C SER A 37 -14.54 22.80 -10.14
N LEU A 38 -15.58 23.39 -10.74
CA LEU A 38 -15.50 24.82 -11.09
C LEU A 38 -15.45 25.70 -9.85
N SER A 39 -15.89 25.18 -8.70
CA SER A 39 -15.78 25.93 -7.43
C SER A 39 -14.33 26.33 -7.16
N LEU A 40 -13.36 25.54 -7.66
CA LEU A 40 -11.92 25.82 -7.50
C LEU A 40 -11.42 26.99 -8.37
N TRP A 41 -12.21 27.38 -9.37
CA TRP A 41 -11.87 28.45 -10.32
C TRP A 41 -11.80 29.80 -9.56
N PRO A 42 -10.64 30.45 -9.52
CA PRO A 42 -10.47 31.65 -8.66
C PRO A 42 -10.95 32.99 -9.25
N VAL A 43 -11.53 32.94 -10.45
CA VAL A 43 -12.08 34.13 -11.08
C VAL A 43 -13.49 33.81 -11.55
N ARG A 44 -14.20 34.85 -11.96
CA ARG A 44 -15.54 34.70 -12.48
C ARG A 44 -15.45 34.04 -13.85
N CYS A 45 -16.33 33.10 -14.12
CA CYS A 45 -16.33 32.47 -15.44
C CYS A 45 -17.74 32.18 -15.86
N LYS A 46 -17.92 31.96 -17.14
CA LYS A 46 -19.23 31.66 -17.69
C LYS A 46 -19.14 30.38 -18.50
N SER A 47 -19.99 29.42 -18.18
CA SER A 47 -20.06 28.16 -18.91
C SER A 47 -21.17 28.24 -19.93
N PHE A 48 -20.91 27.76 -21.15
CA PHE A 48 -21.91 27.76 -22.22
C PHE A 48 -21.54 26.78 -23.34
N TYR A 49 -22.52 26.53 -24.21
CA TYR A 49 -22.34 25.65 -25.36
C TYR A 49 -22.31 26.43 -26.64
N ILE A 50 -21.48 25.96 -27.56
CA ILE A 50 -21.35 26.51 -28.89
C ILE A 50 -21.67 25.35 -29.81
N SER A 51 -22.37 25.64 -30.89
CA SER A 51 -22.72 24.65 -31.90
C SER A 51 -21.54 24.50 -32.88
N THR A 52 -21.31 23.26 -33.33
CA THR A 52 -20.33 22.97 -34.38
C THR A 52 -20.92 21.90 -35.30
N ARG A 53 -20.26 21.65 -36.42
CA ARG A 53 -20.62 20.54 -37.30
C ARG A 53 -20.50 19.18 -36.64
N PHE A 54 -19.71 19.09 -35.57
CA PHE A 54 -19.53 17.82 -34.90
C PHE A 54 -20.11 17.76 -33.51
N GLY A 55 -21.08 18.63 -33.22
CA GLY A 55 -21.80 18.59 -31.95
C GLY A 55 -21.64 19.80 -31.04
N GLN A 56 -22.52 19.86 -30.06
CA GLN A 56 -22.50 20.92 -29.06
C GLN A 56 -21.25 20.85 -28.20
N THR A 57 -20.52 21.95 -28.13
CA THR A 57 -19.23 22.03 -27.50
C THR A 57 -19.25 22.96 -26.29
N HIS A 58 -18.84 22.44 -25.13
CA HIS A 58 -18.82 23.23 -23.90
C HIS A 58 -17.56 24.12 -23.83
N VAL A 59 -17.78 25.37 -23.41
CA VAL A 59 -16.74 26.37 -23.27
C VAL A 59 -16.89 27.10 -21.92
N ILE A 60 -15.77 27.32 -21.25
CA ILE A 60 -15.71 28.17 -20.06
C ILE A 60 -14.95 29.41 -20.47
N ALA A 61 -15.58 30.58 -20.32
CA ALA A 61 -15.00 31.86 -20.68
C ALA A 61 -14.67 32.69 -19.46
N SER A 62 -13.48 33.30 -19.48
CA SER A 62 -12.95 34.12 -18.39
C SER A 62 -12.20 35.28 -18.96
N GLY A 63 -11.98 36.29 -18.14
CA GLY A 63 -11.21 37.47 -18.55
C GLY A 63 -12.04 38.57 -19.16
N PRO A 64 -11.42 39.72 -19.42
CA PRO A 64 -12.12 40.87 -19.97
C PRO A 64 -12.67 40.61 -21.38
N GLU A 65 -13.93 40.97 -21.58
CA GLU A 65 -14.60 40.78 -22.85
C GLU A 65 -13.85 41.34 -24.05
N ASP A 66 -13.19 42.49 -23.89
CA ASP A 66 -12.51 43.13 -25.04
C ASP A 66 -11.01 42.78 -25.15
N ALA A 67 -10.52 41.90 -24.27
CA ALA A 67 -9.11 41.56 -24.25
C ALA A 67 -8.79 40.57 -25.38
N PRO A 68 -7.51 40.47 -25.80
CA PRO A 68 -7.19 39.55 -26.89
C PRO A 68 -7.50 38.13 -26.47
N PRO A 69 -7.89 37.30 -27.45
CA PRO A 69 -8.35 35.96 -27.18
C PRO A 69 -7.23 34.94 -26.91
N LEU A 70 -7.57 33.94 -26.09
CA LEU A 70 -6.68 32.85 -25.75
C LEU A 70 -7.53 31.57 -25.64
N VAL A 71 -7.10 30.49 -26.29
CA VAL A 71 -7.83 29.21 -26.27
C VAL A 71 -7.03 28.15 -25.53
N LEU A 72 -7.68 27.46 -24.59
CA LEU A 72 -7.07 26.42 -23.78
C LEU A 72 -7.71 25.11 -24.16
N LEU A 73 -6.87 24.13 -24.49
CA LEU A 73 -7.30 22.76 -24.78
C LEU A 73 -6.58 21.83 -23.78
N HIS A 74 -7.40 21.16 -22.96
CA HIS A 74 -6.98 20.37 -21.81
C HIS A 74 -6.36 19.04 -22.18
N GLY A 75 -5.82 18.36 -21.17
CA GLY A 75 -5.30 17.00 -21.29
C GLY A 75 -6.44 16.00 -21.28
N ALA A 76 -6.12 14.81 -21.78
CA ALA A 76 -7.08 13.73 -21.92
C ALA A 76 -7.72 13.38 -20.60
N LEU A 77 -9.05 13.21 -20.61
CA LEU A 77 -9.84 12.83 -19.42
C LEU A 77 -9.94 13.84 -18.27
N PHE A 78 -9.20 14.94 -18.35
CA PHE A 78 -9.15 15.97 -17.30
C PHE A 78 -10.20 17.10 -17.40
N SER A 79 -10.68 17.38 -18.62
CA SER A 79 -11.66 18.46 -18.90
C SER A 79 -11.07 19.86 -18.71
N SER A 80 -11.83 20.84 -19.18
CA SER A 80 -11.47 22.25 -19.04
C SER A 80 -11.32 22.70 -17.59
N THR A 81 -11.92 21.97 -16.65
CA THR A 81 -11.80 22.36 -15.24
C THR A 81 -10.35 22.33 -14.70
N TRP A 83 -7.75 23.82 -15.49
CA TRP A 83 -6.99 25.08 -15.60
C TRP A 83 -7.08 26.02 -14.39
N TYR A 84 -7.68 25.55 -13.29
CA TYR A 84 -7.84 26.40 -12.08
C TYR A 84 -6.54 27.01 -11.51
N PRO A 85 -5.40 26.27 -11.54
CA PRO A 85 -4.19 26.92 -11.04
C PRO A 85 -3.53 27.93 -11.99
N ASN A 86 -4.07 28.08 -13.22
CA ASN A 86 -3.46 28.95 -14.23
C ASN A 86 -4.34 30.14 -14.70
N ILE A 87 -5.65 30.04 -14.50
CA ILE A 87 -6.60 30.96 -15.13
C ILE A 87 -6.57 32.36 -14.52
N ALA A 88 -6.26 32.48 -13.24
CA ALA A 88 -6.21 33.81 -12.64
C ALA A 88 -5.17 34.65 -13.36
N ASP A 89 -3.97 34.10 -13.56
CA ASP A 89 -2.91 34.84 -14.24
C ASP A 89 -3.19 35.01 -15.73
N TRP A 90 -3.63 33.94 -16.39
CA TRP A 90 -3.85 34.04 -17.85
C TRP A 90 -5.03 34.93 -18.24
N SER A 91 -6.11 34.86 -17.46
CA SER A 91 -7.30 35.65 -17.76
C SER A 91 -7.22 37.10 -17.31
N SER A 92 -6.18 37.48 -16.58
CA SER A 92 -6.02 38.89 -16.24
C SER A 92 -5.80 39.70 -17.53
N LYS A 93 -5.09 39.12 -18.50
CA LYS A 93 -4.73 39.83 -19.72
C LYS A 93 -5.48 39.35 -20.99
N TYR A 94 -5.97 38.12 -20.98
CA TYR A 94 -6.59 37.56 -22.19
C TYR A 94 -8.02 37.17 -21.94
N ARG A 95 -8.85 37.26 -22.98
CA ARG A 95 -10.22 36.74 -22.94
C ARG A 95 -10.02 35.26 -23.26
N THR A 96 -10.13 34.45 -22.22
CA THR A 96 -9.75 33.06 -22.27
C THR A 96 -10.94 32.13 -22.41
N TYR A 97 -10.83 31.21 -23.37
CA TYR A 97 -11.82 30.20 -23.64
C TYR A 97 -11.23 28.81 -23.43
N ALA A 98 -11.72 28.14 -22.40
CA ALA A 98 -11.33 26.75 -22.10
C ALA A 98 -12.36 25.83 -22.75
N VAL A 99 -11.96 25.25 -23.88
CA VAL A 99 -12.82 24.44 -24.72
C VAL A 99 -12.70 22.95 -24.42
N ASP A 100 -13.84 22.31 -24.16
CA ASP A 100 -13.91 20.85 -23.93
C ASP A 100 -13.80 20.11 -25.27
N ILE A 101 -12.77 19.26 -25.37
CA ILE A 101 -12.45 18.59 -26.61
C ILE A 101 -13.56 17.61 -26.90
N ILE A 102 -14.09 17.74 -28.12
CA ILE A 102 -15.18 16.92 -28.61
C ILE A 102 -14.79 15.41 -28.58
N GLY A 103 -15.67 14.61 -27.97
CA GLY A 103 -15.48 13.17 -27.81
C GLY A 103 -14.68 12.68 -26.58
N ASP A 104 -13.96 13.57 -25.91
CA ASP A 104 -13.20 13.19 -24.72
C ASP A 104 -14.14 13.24 -23.51
N LYS A 105 -13.67 12.80 -22.34
CA LYS A 105 -14.51 12.75 -21.16
C LYS A 105 -14.69 14.16 -20.55
N ASN A 106 -15.83 14.75 -20.82
CA ASN A 106 -16.09 16.12 -20.42
C ASN A 106 -17.55 16.49 -20.79
N LYS A 107 -17.86 17.77 -20.95
CA LYS A 107 -19.23 18.20 -21.18
C LYS A 107 -19.60 18.40 -22.66
N SER A 108 -18.63 18.28 -23.56
CA SER A 108 -18.98 18.37 -24.98
C SER A 108 -19.73 17.10 -25.44
N ILE A 109 -20.66 17.30 -26.38
CA ILE A 109 -21.53 16.23 -26.91
C ILE A 109 -21.25 15.97 -28.40
N PRO A 110 -20.45 14.94 -28.71
CA PRO A 110 -20.06 14.75 -30.11
C PRO A 110 -21.15 14.17 -31.00
N GLU A 111 -21.08 14.51 -32.29
CA GLU A 111 -22.01 14.00 -33.29
C GLU A 111 -21.33 13.86 -34.65
N ASN A 112 -21.50 12.70 -35.28
CA ASN A 112 -20.95 12.46 -36.62
C ASN A 112 -19.43 12.66 -36.71
N VAL A 113 -18.69 12.15 -35.73
CA VAL A 113 -17.24 12.31 -35.76
C VAL A 113 -16.64 11.01 -36.27
N SER A 114 -16.07 11.07 -37.47
CA SER A 114 -15.44 9.88 -38.06
C SER A 114 -14.12 9.57 -37.35
N GLY A 115 -13.51 10.58 -36.76
CA GLY A 115 -12.25 10.40 -36.04
C GLY A 115 -10.99 10.82 -36.78
N THR A 116 -11.12 11.47 -37.95
CA THR A 116 -9.92 11.87 -38.72
C THR A 116 -9.38 13.16 -38.16
N ARG A 117 -8.08 13.41 -38.41
CA ARG A 117 -7.45 14.67 -37.97
C ARG A 117 -8.08 15.88 -38.64
N THR A 118 -8.64 15.67 -39.84
CA THR A 118 -9.35 16.71 -40.58
C THR A 118 -10.63 17.09 -39.84
N ASP A 119 -11.42 16.11 -39.44
CA ASP A 119 -12.64 16.38 -38.65
C ASP A 119 -12.36 17.25 -37.41
N TYR A 120 -11.36 16.86 -36.63
CA TYR A 120 -10.99 17.58 -35.40
C TYR A 120 -10.51 18.98 -35.68
N ALA A 121 -9.75 19.15 -36.77
CA ALA A 121 -9.33 20.48 -37.20
C ALA A 121 -10.57 21.36 -37.55
N ASN A 122 -11.50 20.82 -38.31
CA ASN A 122 -12.73 21.50 -38.69
C ASN A 122 -13.64 21.83 -37.52
N TRP A 123 -13.69 20.93 -36.54
CA TRP A 123 -14.41 21.19 -35.30
C TRP A 123 -13.84 22.45 -34.63
N LEU A 124 -12.53 22.49 -34.43
CA LEU A 124 -11.95 23.64 -33.75
C LEU A 124 -12.15 24.95 -34.58
N LEU A 125 -12.06 24.85 -35.90
CA LEU A 125 -12.35 25.97 -36.76
C LEU A 125 -13.75 26.49 -36.49
N ASP A 126 -14.73 25.58 -36.35
CA ASP A 126 -16.12 25.98 -36.04
C ASP A 126 -16.22 26.73 -34.70
N VAL A 127 -15.44 26.26 -33.74
CA VAL A 127 -15.33 26.93 -32.44
C VAL A 127 -14.79 28.33 -32.59
N PHE A 128 -13.68 28.50 -33.31
CA PHE A 128 -13.11 29.84 -33.50
C PHE A 128 -14.14 30.74 -34.16
N ASP A 129 -14.73 30.21 -35.22
CA ASP A 129 -15.75 30.93 -36.00
C ASP A 129 -16.94 31.35 -35.17
N ASN A 130 -17.46 30.46 -34.31
CA ASN A 130 -18.62 30.78 -33.46
C ASN A 130 -18.27 31.68 -32.28
N LEU A 131 -17.00 31.71 -31.88
CA LEU A 131 -16.56 32.61 -30.80
C LEU A 131 -16.13 34.00 -31.31
N GLY A 132 -16.19 34.23 -32.62
CA GLY A 132 -15.77 35.51 -33.19
C GLY A 132 -14.25 35.70 -33.26
N ILE A 133 -13.49 34.62 -33.10
CA ILE A 133 -12.03 34.71 -33.06
C ILE A 133 -11.39 34.79 -34.44
N GLU A 134 -10.56 35.80 -34.69
CA GLU A 134 -9.81 35.87 -35.95
C GLU A 134 -8.53 35.08 -35.78
N LYS A 135 -7.56 35.67 -35.09
CA LYS A 135 -6.32 35.00 -34.71
C LYS A 135 -6.32 34.91 -33.19
N SER A 136 -5.71 33.85 -32.67
CA SER A 136 -5.65 33.65 -31.22
C SER A 136 -4.38 32.95 -30.75
N HIS A 137 -4.02 33.21 -29.50
CA HIS A 137 -2.96 32.46 -28.84
C HIS A 137 -3.61 31.17 -28.36
N ILE A 139 -2.96 27.36 -25.92
CA ILE A 139 -2.22 26.56 -24.96
C ILE A 139 -2.92 25.21 -24.96
N GLY A 140 -2.15 24.15 -25.15
CA GLY A 140 -2.70 22.81 -25.10
C GLY A 140 -1.82 21.93 -24.25
N LEU A 141 -2.43 21.07 -23.44
CA LEU A 141 -1.67 20.09 -22.70
C LEU A 141 -2.12 18.68 -23.11
N SER A 142 -1.16 17.75 -23.18
CA SER A 142 -1.47 16.33 -23.51
C SER A 142 -2.30 16.26 -24.82
N LEU A 143 -3.49 15.69 -24.80
CA LEU A 143 -4.34 15.63 -26.02
C LEU A 143 -4.51 17.02 -26.64
N GLY A 144 -4.74 18.04 -25.82
CA GLY A 144 -4.88 19.42 -26.29
C GLY A 144 -3.67 19.94 -27.01
N GLY A 145 -2.48 19.48 -26.60
CA GLY A 145 -1.23 19.77 -27.27
C GLY A 145 -1.19 19.18 -28.68
N LEU A 146 -1.68 17.94 -28.80
CA LEU A 146 -1.75 17.27 -30.10
C LEU A 146 -2.77 17.96 -31.00
N HIS A 147 -3.93 18.33 -30.47
CA HIS A 147 -4.90 19.08 -31.25
C HIS A 147 -4.34 20.45 -31.69
N THR A 148 -3.51 21.03 -30.85
CA THR A 148 -2.93 22.36 -31.11
C THR A 148 -1.93 22.32 -32.27
N ASN A 150 -1.81 19.99 -34.59
CA ASN A 150 -2.61 19.67 -35.77
C ASN A 150 -3.23 20.91 -36.40
N PHE A 151 -3.88 21.71 -35.55
CA PHE A 151 -4.55 22.95 -35.96
C PHE A 151 -3.63 24.03 -36.56
N LEU A 152 -2.52 24.30 -35.89
CA LEU A 152 -1.58 25.33 -36.35
C LEU A 152 -0.97 24.95 -37.71
N LEU A 153 -0.80 23.65 -37.94
CA LEU A 153 -0.34 23.16 -39.22
C LEU A 153 -1.40 23.29 -40.32
N ARG A 154 -2.68 23.18 -39.96
CA ARG A 154 -3.76 23.20 -40.94
C ARG A 154 -4.39 24.57 -41.15
N PRO A 156 -2.96 27.88 -40.04
CA PRO A 156 -1.94 28.72 -39.42
C PRO A 156 -2.34 30.18 -39.31
N GLU A 157 -3.15 30.64 -40.27
CA GLU A 157 -3.66 32.01 -40.26
C GLU A 157 -4.66 32.30 -39.12
N ARG A 158 -5.01 31.30 -38.33
CA ARG A 158 -5.88 31.52 -37.20
C ARG A 158 -5.12 31.52 -35.87
N VAL A 159 -3.82 31.27 -35.91
CA VAL A 159 -3.01 31.17 -34.67
C VAL A 159 -1.94 32.25 -34.62
N LYS A 160 -1.88 32.98 -33.50
CA LYS A 160 -0.81 33.95 -33.25
C LYS A 160 0.47 33.19 -32.89
N SER A 161 0.41 32.43 -31.81
CA SER A 161 1.50 31.53 -31.41
C SER A 161 0.89 30.47 -30.50
N ALA A 162 1.59 29.36 -30.31
CA ALA A 162 1.03 28.27 -29.52
C ALA A 162 2.01 27.73 -28.50
N ALA A 163 1.49 27.45 -27.31
CA ALA A 163 2.25 26.83 -26.24
C ALA A 163 1.76 25.38 -26.18
N ILE A 164 2.64 24.44 -26.48
CA ILE A 164 2.35 23.01 -26.42
C ILE A 164 3.08 22.43 -25.20
N LEU A 165 2.31 21.86 -24.28
CA LEU A 165 2.79 21.36 -22.99
C LEU A 165 2.62 19.83 -22.92
N SER A 166 3.71 19.10 -22.72
CA SER A 166 3.62 17.62 -22.61
C SER A 166 2.63 16.96 -23.61
N PRO A 167 2.82 17.19 -24.92
CA PRO A 167 1.80 16.73 -25.86
C PRO A 167 1.63 15.22 -25.94
N ALA A 168 0.41 14.78 -26.23
CA ALA A 168 0.14 13.36 -26.45
C ALA A 168 0.78 12.97 -27.77
N GLU A 169 1.66 11.98 -27.74
CA GLU A 169 2.52 11.63 -28.86
C GLU A 169 3.13 12.87 -29.53
N THR A 170 2.77 13.15 -30.78
CA THR A 170 3.22 14.36 -31.50
C THR A 170 4.67 14.24 -31.96
N PHE A 171 5.60 14.14 -31.01
CA PHE A 171 7.01 13.94 -31.34
C PHE A 171 7.47 12.51 -31.19
N LEU A 172 6.95 11.79 -30.21
CA LEU A 172 7.34 10.41 -29.99
C LEU A 172 6.11 9.55 -29.76
N PRO A 173 6.19 8.26 -30.11
CA PRO A 173 5.08 7.37 -29.77
C PRO A 173 4.97 7.18 -28.26
N PHE A 174 3.77 6.84 -27.75
CA PHE A 174 3.62 6.55 -26.34
C PHE A 174 4.52 5.38 -25.93
N HIS A 175 5.22 5.51 -24.81
CA HIS A 175 5.89 4.36 -24.18
C HIS A 175 4.79 3.36 -23.76
N HIS A 176 5.04 2.05 -23.85
CA HIS A 176 4.00 1.04 -23.55
C HIS A 176 3.51 1.09 -22.09
N ASP A 177 4.29 1.70 -21.21
CA ASP A 177 3.87 1.91 -19.82
C ASP A 177 2.60 2.73 -19.73
N PHE A 178 2.47 3.73 -20.59
CA PHE A 178 1.26 4.56 -20.58
C PHE A 178 0.03 3.67 -20.75
N TYR A 179 0.08 2.79 -21.76
CA TYR A 179 -1.03 1.88 -22.06
C TYR A 179 -1.32 0.88 -20.94
N LYS A 180 -0.27 0.40 -20.29
CA LYS A 180 -0.40 -0.53 -19.18
C LYS A 180 -1.11 0.14 -18.00
N TYR A 181 -0.71 1.36 -17.65
CA TYR A 181 -1.39 2.10 -16.60
C TYR A 181 -2.82 2.56 -16.98
N ALA A 182 -3.00 3.01 -18.22
CA ALA A 182 -4.30 3.46 -18.69
C ALA A 182 -5.30 2.32 -18.69
N LEU A 183 -4.86 1.11 -19.01
CA LEU A 183 -5.75 -0.05 -19.06
C LEU A 183 -6.25 -0.45 -17.68
N GLY A 184 -5.47 -0.16 -16.65
CA GLY A 184 -5.84 -0.43 -15.28
C GLY A 184 -6.66 0.69 -14.64
N LEU A 185 -6.95 1.78 -15.37
CA LEU A 185 -7.77 2.86 -14.82
C LEU A 185 -9.12 2.41 -14.26
N THR A 186 -9.79 1.54 -15.01
CA THR A 186 -11.12 1.01 -14.70
C THR A 186 -11.02 -0.29 -13.88
N ALA A 187 -10.32 -0.21 -12.75
CA ALA A 187 -10.21 -1.34 -11.82
C ALA A 187 -10.12 -0.73 -10.44
N SER A 188 -10.37 -1.52 -9.40
CA SER A 188 -10.25 -1.03 -8.02
C SER A 188 -8.84 -0.51 -7.84
N ASN A 189 -8.74 0.74 -7.41
CA ASN A 189 -7.46 1.41 -7.14
C ASN A 189 -6.71 1.78 -8.41
N GLY A 190 -7.42 1.80 -9.54
CA GLY A 190 -6.80 2.11 -10.83
C GLY A 190 -6.51 3.59 -11.06
N VAL A 191 -7.42 4.46 -10.62
CA VAL A 191 -7.19 5.88 -10.76
C VAL A 191 -6.04 6.32 -9.84
N GLU A 192 -6.04 5.83 -8.60
CA GLU A 192 -4.99 6.16 -7.64
C GLU A 192 -3.64 5.69 -8.21
N THR A 193 -3.59 4.44 -8.66
CA THR A 193 -2.40 3.89 -9.29
C THR A 193 -1.94 4.73 -10.51
N PHE A 194 -2.87 5.05 -11.40
CA PHE A 194 -2.57 5.80 -12.60
C PHE A 194 -1.97 7.16 -12.26
N LEU A 195 -2.67 7.90 -11.39
CA LEU A 195 -2.26 9.25 -10.99
C LEU A 195 -0.92 9.22 -10.24
N ASN A 196 -0.72 8.23 -9.37
CA ASN A 196 0.53 8.13 -8.63
C ASN A 196 1.71 7.95 -9.54
N TRP A 197 1.53 7.16 -10.59
CA TRP A 197 2.55 6.97 -11.63
C TRP A 197 2.77 8.25 -12.42
N ASN A 200 4.17 11.12 -10.22
CA ASN A 200 5.43 10.79 -9.55
C ASN A 200 5.25 10.73 -8.04
N ASP A 201 4.10 10.24 -7.60
CA ASP A 201 3.77 10.07 -6.19
C ASP A 201 3.72 11.39 -5.42
N GLN A 202 3.48 12.50 -6.11
CA GLN A 202 3.42 13.81 -5.48
C GLN A 202 1.99 14.20 -5.19
N ASN A 203 1.81 14.90 -4.08
CA ASN A 203 0.50 15.30 -3.60
C ASN A 203 0.15 16.64 -4.24
N VAL A 204 -0.42 16.59 -5.44
CA VAL A 204 -0.59 17.80 -6.25
C VAL A 204 -2.03 18.19 -6.52
N LEU A 205 -2.85 17.21 -6.87
CA LEU A 205 -4.21 17.47 -7.33
C LEU A 205 -5.16 17.74 -6.16
N HIS A 206 -6.04 18.71 -6.33
CA HIS A 206 -7.05 19.01 -5.31
C HIS A 206 -8.05 17.86 -5.28
N PRO A 207 -8.43 17.38 -4.08
CA PRO A 207 -9.35 16.26 -3.90
C PRO A 207 -10.64 16.33 -4.71
N ILE A 208 -11.18 17.54 -4.86
CA ILE A 208 -12.40 17.74 -5.61
C ILE A 208 -12.24 17.39 -7.10
N PHE A 209 -11.10 17.78 -7.64
CA PHE A 209 -10.78 17.55 -9.03
C PHE A 209 -10.58 16.06 -9.26
N VAL A 210 -9.88 15.42 -8.33
CA VAL A 210 -9.70 13.97 -8.36
C VAL A 210 -11.06 13.25 -8.39
N LYS A 211 -12.03 13.74 -7.61
CA LYS A 211 -13.36 13.15 -7.59
C LYS A 211 -13.98 13.22 -8.98
N GLN A 212 -13.77 14.34 -9.66
CA GLN A 212 -14.27 14.50 -11.02
C GLN A 212 -13.59 13.53 -11.97
N PHE A 213 -12.27 13.47 -11.91
CA PHE A 213 -11.52 12.57 -12.78
C PHE A 213 -12.03 11.15 -12.65
N LYS A 214 -12.18 10.68 -11.42
CA LYS A 214 -12.71 9.34 -11.14
C LYS A 214 -14.13 9.13 -11.67
N ALA A 215 -15.00 10.13 -11.53
CA ALA A 215 -16.39 10.03 -12.03
C ALA A 215 -16.41 9.93 -13.55
N GLY A 216 -15.48 10.62 -14.20
CA GLY A 216 -15.31 10.52 -15.65
C GLY A 216 -14.94 9.09 -16.01
N VAL A 217 -14.01 8.51 -15.27
CA VAL A 217 -13.55 7.16 -15.54
C VAL A 217 -14.71 6.18 -15.34
N TRP A 219 -17.81 6.84 -15.80
CA TRP A 219 -18.86 7.09 -16.80
C TRP A 219 -18.46 6.52 -18.15
N GLN A 220 -19.00 5.34 -18.44
CA GLN A 220 -18.58 4.54 -19.60
C GLN A 220 -19.69 4.18 -20.60
N ASP A 221 -20.88 4.73 -20.40
CA ASP A 221 -22.02 4.43 -21.29
C ASP A 221 -22.41 5.65 -22.14
N GLY A 222 -21.56 6.65 -22.16
CA GLY A 222 -21.81 7.85 -22.95
C GLY A 222 -21.63 7.59 -24.44
N SER A 223 -21.15 8.60 -25.15
CA SER A 223 -20.98 8.49 -26.59
C SER A 223 -19.88 7.50 -26.98
N ARG A 224 -20.02 6.91 -28.16
CA ARG A 224 -19.07 5.94 -28.68
C ARG A 224 -17.78 6.63 -29.10
N ASN A 225 -16.68 5.90 -29.01
CA ASN A 225 -15.39 6.38 -29.50
C ASN A 225 -15.33 6.08 -30.99
N PRO A 226 -14.65 6.95 -31.77
CA PRO A 226 -14.43 6.57 -33.16
C PRO A 226 -13.45 5.40 -33.15
N ASN A 227 -13.55 4.53 -34.15
CA ASN A 227 -12.68 3.39 -34.21
C ASN A 227 -11.23 3.86 -34.30
N PRO A 228 -10.31 3.13 -33.67
CA PRO A 228 -8.90 3.43 -33.94
C PRO A 228 -8.67 3.71 -35.43
N ASN A 229 -7.84 4.70 -35.73
CA ASN A 229 -7.68 5.20 -37.08
C ASN A 229 -6.30 5.78 -37.26
N ALA A 230 -5.58 5.29 -38.26
CA ALA A 230 -4.22 5.78 -38.54
C ALA A 230 -4.27 7.25 -38.92
N ASP A 231 -5.40 7.66 -39.49
CA ASP A 231 -5.64 9.04 -39.92
C ASP A 231 -6.27 9.95 -38.86
N GLY A 232 -6.37 9.45 -37.62
CA GLY A 232 -6.88 10.22 -36.48
C GLY A 232 -5.84 10.48 -35.39
N PHE A 233 -6.29 10.43 -34.13
CA PHE A 233 -5.38 10.61 -32.98
C PHE A 233 -5.38 9.33 -32.13
N PRO A 234 -4.30 9.07 -31.36
CA PRO A 234 -3.06 9.85 -31.22
C PRO A 234 -2.20 9.71 -32.47
N TYR A 235 -1.30 10.65 -32.68
CA TYR A 235 -0.51 10.70 -33.90
C TYR A 235 0.90 11.22 -33.65
N VAL A 236 1.88 10.65 -34.37
CA VAL A 236 3.23 11.18 -34.38
C VAL A 236 3.47 11.86 -35.71
N PHE A 237 3.77 13.16 -35.69
CA PHE A 237 3.99 13.91 -36.92
C PHE A 237 5.28 13.48 -37.60
N THR A 238 5.30 13.46 -38.93
CA THR A 238 6.51 13.04 -39.65
C THR A 238 7.51 14.20 -39.62
N ASP A 239 8.76 13.93 -39.96
CA ASP A 239 9.80 14.99 -39.99
C ASP A 239 9.36 16.14 -40.90
N GLU A 240 8.77 15.79 -42.05
CA GLU A 240 8.38 16.81 -42.99
C GLU A 240 7.18 17.60 -42.50
N GLU A 241 6.28 16.97 -41.75
CA GLU A 241 5.16 17.71 -41.15
C GLU A 241 5.67 18.72 -40.12
N LEU A 242 6.58 18.29 -39.25
CA LEU A 242 7.22 19.18 -38.28
C LEU A 242 7.98 20.33 -38.95
N ARG A 243 8.65 20.04 -40.06
CA ARG A 243 9.36 21.09 -40.78
C ARG A 243 8.39 22.16 -41.32
N SER A 244 7.12 21.80 -41.53
CA SER A 244 6.16 22.71 -42.14
C SER A 244 5.47 23.67 -41.19
N ALA A 245 5.85 23.66 -39.91
CA ALA A 245 5.17 24.51 -38.93
C ALA A 245 5.51 25.94 -39.28
N ARG A 246 4.50 26.80 -39.35
CA ARG A 246 4.69 28.19 -39.74
C ARG A 246 4.38 29.21 -38.67
N VAL A 247 3.85 28.78 -37.51
CA VAL A 247 3.52 29.73 -36.45
C VAL A 247 4.47 29.45 -35.29
N PRO A 248 4.90 30.50 -34.55
CA PRO A 248 5.82 30.28 -33.41
C PRO A 248 5.26 29.31 -32.35
N ILE A 249 6.14 28.44 -31.86
CA ILE A 249 5.77 27.43 -30.89
C ILE A 249 6.69 27.44 -29.67
N LEU A 250 6.07 27.30 -28.50
CA LEU A 250 6.77 27.05 -27.24
C LEU A 250 6.46 25.62 -26.80
N LEU A 251 7.50 24.82 -26.64
CA LEU A 251 7.35 23.45 -26.15
C LEU A 251 7.86 23.32 -24.71
N LEU A 252 6.96 22.98 -23.77
CA LEU A 252 7.32 22.70 -22.40
C LEU A 252 7.08 21.22 -22.07
N LEU A 253 8.10 20.58 -21.54
CA LEU A 253 8.07 19.18 -21.11
C LEU A 253 8.56 19.15 -19.68
N GLY A 254 8.18 18.13 -18.92
CA GLY A 254 8.71 17.95 -17.56
C GLY A 254 9.86 16.94 -17.48
N GLU A 255 10.83 17.17 -16.59
CA GLU A 255 11.92 16.18 -16.46
C GLU A 255 11.40 14.80 -16.06
N HIS A 256 10.32 14.73 -15.28
CA HIS A 256 9.78 13.45 -14.83
C HIS A 256 8.62 12.91 -15.69
N GLU A 257 8.53 13.36 -16.95
CA GLU A 257 7.58 12.85 -17.91
C GLU A 257 7.69 11.30 -18.00
N VAL A 258 6.54 10.64 -18.02
CA VAL A 258 6.45 9.18 -18.05
C VAL A 258 5.92 8.61 -19.38
N ILE A 259 5.26 9.42 -20.21
CA ILE A 259 4.66 8.85 -21.43
C ILE A 259 5.64 8.65 -22.59
N TYR A 260 6.80 9.30 -22.52
CA TYR A 260 7.91 9.15 -23.47
C TYR A 260 9.10 9.85 -22.80
N ASP A 261 10.30 9.77 -23.38
CA ASP A 261 11.44 10.48 -22.81
C ASP A 261 11.38 11.96 -23.22
N PRO A 262 11.39 12.85 -22.23
CA PRO A 262 11.21 14.25 -22.56
C PRO A 262 12.36 14.83 -23.36
N HIS A 263 13.59 14.45 -23.04
CA HIS A 263 14.75 14.99 -23.74
C HIS A 263 14.78 14.56 -25.20
N SER A 264 14.52 13.28 -25.43
CA SER A 264 14.38 12.76 -26.78
C SER A 264 13.29 13.54 -27.57
N ALA A 265 12.14 13.81 -26.95
CA ALA A 265 11.08 14.57 -27.61
C ALA A 265 11.55 15.99 -27.95
N LEU A 266 12.22 16.64 -27.00
CA LEU A 266 12.73 17.98 -27.24
C LEU A 266 13.71 17.96 -28.41
N HIS A 267 14.56 16.93 -28.45
CA HIS A 267 15.56 16.78 -29.51
C HIS A 267 14.87 16.64 -30.86
N ARG A 268 13.87 15.78 -30.94
CA ARG A 268 13.17 15.64 -32.22
C ARG A 268 12.45 16.91 -32.58
N ALA A 269 11.80 17.56 -31.62
CA ALA A 269 11.11 18.84 -31.90
C ALA A 269 12.08 19.90 -32.42
N SER A 270 13.20 20.02 -31.73
CA SER A 270 14.25 20.99 -32.08
CA SER A 270 14.25 21.00 -32.08
C SER A 270 14.91 20.70 -33.42
N SER A 271 14.97 19.41 -33.79
CA SER A 271 15.57 19.01 -35.06
C SER A 271 14.80 19.51 -36.28
N PHE A 272 13.47 19.61 -36.17
CA PHE A 272 12.61 19.88 -37.33
C PHE A 272 11.71 21.11 -37.28
N VAL A 273 11.17 21.45 -36.11
CA VAL A 273 10.24 22.58 -35.99
C VAL A 273 11.04 23.87 -36.07
N PRO A 274 10.86 24.67 -37.12
CA PRO A 274 11.77 25.82 -37.21
C PRO A 274 11.58 26.88 -36.13
N ASP A 275 12.70 27.31 -35.55
CA ASP A 275 12.71 28.42 -34.60
C ASP A 275 11.85 28.20 -33.36
N ILE A 276 11.76 26.94 -32.94
CA ILE A 276 11.00 26.58 -31.75
C ILE A 276 11.68 27.14 -30.48
N GLU A 277 10.89 27.49 -29.47
CA GLU A 277 11.40 27.75 -28.13
C GLU A 277 11.00 26.50 -27.37
N ALA A 278 11.93 25.93 -26.59
CA ALA A 278 11.64 24.67 -25.95
C ALA A 278 12.48 24.40 -24.73
N GLU A 279 11.88 23.73 -23.74
CA GLU A 279 12.61 23.40 -22.50
C GLU A 279 11.98 22.25 -21.71
N VAL A 280 12.84 21.52 -21.01
CA VAL A 280 12.45 20.46 -20.10
C VAL A 280 12.52 21.06 -18.69
N ILE A 281 11.39 21.10 -18.01
CA ILE A 281 11.26 21.80 -16.74
C ILE A 281 11.58 20.92 -15.53
N LYS A 282 12.53 21.36 -14.71
CA LYS A 282 12.91 20.63 -13.53
C LYS A 282 11.73 20.59 -12.52
N ASN A 283 11.57 19.43 -11.87
CA ASN A 283 10.59 19.21 -10.82
C ASN A 283 9.14 19.22 -11.31
N ALA A 284 8.98 18.81 -12.55
CA ALA A 284 7.68 18.68 -13.16
C ALA A 284 7.71 17.42 -14.02
N GLY A 285 6.54 16.84 -14.22
CA GLY A 285 6.41 15.72 -15.13
C GLY A 285 5.43 16.11 -16.21
N HIS A 286 4.51 15.20 -16.47
CA HIS A 286 3.53 15.36 -17.52
C HIS A 286 2.53 16.51 -17.26
N VAL A 287 1.89 16.54 -16.10
CA VAL A 287 0.85 17.56 -15.86
C VAL A 287 1.51 18.80 -15.26
N LEU A 288 2.47 19.33 -16.01
CA LEU A 288 3.35 20.39 -15.53
C LEU A 288 2.63 21.70 -15.18
N SER A 289 1.48 21.98 -15.82
CA SER A 289 0.69 23.18 -15.50
C SER A 289 0.07 23.14 -14.10
N GLU A 291 1.62 21.17 -11.58
CA GLU A 291 2.75 20.86 -10.68
C GLU A 291 3.56 22.11 -10.39
N GLN A 292 3.75 22.95 -11.42
CA GLN A 292 4.56 24.18 -11.34
C GLN A 292 3.85 25.38 -11.97
N PRO A 293 2.63 25.69 -11.48
CA PRO A 293 1.85 26.79 -12.05
C PRO A 293 2.58 28.15 -12.04
N THR A 294 3.24 28.49 -10.95
CA THR A 294 3.86 29.81 -10.91
C THR A 294 4.86 29.97 -12.04
N TYR A 295 5.75 28.98 -12.20
CA TYR A 295 6.74 29.02 -13.27
C TYR A 295 6.08 28.98 -14.65
N VAL A 296 5.25 27.98 -14.88
CA VAL A 296 4.56 27.80 -16.15
C VAL A 296 3.67 29.01 -16.57
N ASN A 297 2.93 29.54 -15.62
CA ASN A 297 2.11 30.74 -15.87
C ASN A 297 2.95 31.89 -16.43
N GLU A 298 4.08 32.20 -15.80
CA GLU A 298 4.91 33.31 -16.28
C GLU A 298 5.59 32.96 -17.59
N ARG A 299 6.10 31.72 -17.70
CA ARG A 299 6.80 31.29 -18.91
C ARG A 299 5.95 31.43 -20.17
N VAL A 300 4.72 30.96 -20.11
CA VAL A 300 3.80 31.04 -21.25
C VAL A 300 3.45 32.50 -21.55
N ARG A 302 5.26 35.13 -20.85
CA ARG A 302 6.45 35.77 -21.38
C ARG A 302 6.57 35.52 -22.88
N PHE A 303 6.26 34.28 -23.27
CA PHE A 303 6.27 33.86 -24.66
C PHE A 303 5.22 34.59 -25.48
N PHE A 304 4.01 34.72 -24.96
CA PHE A 304 2.96 35.42 -25.72
C PHE A 304 3.20 36.93 -25.83
N ASN A 305 4.03 37.48 -24.95
CA ASN A 305 4.41 38.90 -25.05
C ASN A 305 5.66 39.09 -25.90
N ILE B 20 -9.70 -7.84 -0.74
CA ILE B 20 -10.65 -8.97 -0.96
C ILE B 20 -12.09 -8.55 -0.63
N PRO B 21 -12.75 -7.79 -1.54
CA PRO B 21 -14.10 -7.28 -1.27
C PRO B 21 -15.21 -8.31 -1.50
N GLU B 22 -16.31 -8.19 -0.75
CA GLU B 22 -17.52 -8.98 -0.98
C GLU B 22 -17.85 -8.86 -2.46
N LEU B 23 -18.47 -9.89 -3.05
CA LEU B 23 -18.76 -9.84 -4.47
C LEU B 23 -19.85 -8.81 -4.81
N SER B 24 -19.49 -7.83 -5.64
CA SER B 24 -20.44 -6.79 -6.07
C SER B 24 -21.53 -7.37 -6.94
N ASP B 25 -22.51 -6.54 -7.26
CA ASP B 25 -23.55 -6.91 -8.19
C ASP B 25 -23.00 -7.25 -9.59
N ASN B 26 -21.96 -6.54 -10.04
CA ASN B 26 -21.36 -6.87 -11.34
C ASN B 26 -20.57 -8.20 -11.25
N GLY B 27 -19.95 -8.43 -10.10
CA GLY B 27 -19.23 -9.68 -9.81
C GLY B 27 -20.20 -10.84 -9.80
N ILE B 28 -21.36 -10.67 -9.17
CA ILE B 28 -22.39 -11.71 -9.16
C ILE B 28 -22.84 -12.01 -10.61
N ARG B 29 -23.08 -10.97 -11.40
CA ARG B 29 -23.47 -11.12 -12.79
C ARG B 29 -22.40 -11.86 -13.61
N TYR B 30 -21.13 -11.56 -13.35
CA TYR B 30 -20.04 -12.25 -14.05
C TYR B 30 -20.03 -13.74 -13.69
N TYR B 31 -20.20 -14.04 -12.41
CA TYR B 31 -20.21 -15.42 -11.93
C TYR B 31 -21.38 -16.17 -12.61
N GLN B 32 -22.52 -15.51 -12.74
CA GLN B 32 -23.68 -16.05 -13.47
C GLN B 32 -23.29 -16.41 -14.88
N THR B 33 -22.67 -15.49 -15.60
CA THR B 33 -22.29 -15.75 -16.99
C THR B 33 -21.20 -16.85 -17.11
N TYR B 34 -20.28 -16.89 -16.16
CA TYR B 34 -19.22 -17.91 -16.17
C TYR B 34 -19.93 -19.28 -16.12
N ASN B 35 -20.85 -19.45 -15.17
CA ASN B 35 -21.65 -20.69 -15.02
C ASN B 35 -22.45 -21.09 -16.29
N GLU B 36 -23.15 -20.14 -16.92
CA GLU B 36 -23.85 -20.41 -18.19
C GLU B 36 -22.85 -20.86 -19.25
N SER B 37 -21.69 -20.19 -19.34
CA SER B 37 -20.70 -20.58 -20.33
C SER B 37 -20.25 -22.01 -20.11
N LEU B 38 -20.16 -22.43 -18.85
CA LEU B 38 -19.78 -23.84 -18.56
C LEU B 38 -20.78 -24.86 -19.06
N SER B 39 -22.01 -24.42 -19.40
CA SER B 39 -23.03 -25.28 -19.99
C SER B 39 -22.63 -25.77 -21.38
N LEU B 40 -21.71 -25.03 -22.01
CA LEU B 40 -21.16 -25.38 -23.31
C LEU B 40 -20.16 -26.54 -23.25
N TRP B 41 -19.61 -26.81 -22.07
CA TRP B 41 -18.63 -27.89 -21.83
C TRP B 41 -19.35 -29.21 -22.15
N PRO B 42 -18.86 -29.94 -23.16
CA PRO B 42 -19.49 -31.16 -23.64
C PRO B 42 -19.12 -32.43 -22.87
N VAL B 43 -18.38 -32.29 -21.78
CA VAL B 43 -17.92 -33.42 -21.01
C VAL B 43 -18.19 -33.18 -19.54
N ARG B 44 -18.17 -34.24 -18.75
CA ARG B 44 -18.27 -34.11 -17.30
C ARG B 44 -17.04 -33.38 -16.76
N CYS B 45 -17.26 -32.45 -15.83
CA CYS B 45 -16.14 -31.77 -15.20
C CYS B 45 -16.39 -31.51 -13.72
N LYS B 46 -15.35 -31.01 -13.05
CA LYS B 46 -15.53 -30.50 -11.69
C LYS B 46 -14.82 -29.16 -11.51
N SER B 47 -15.43 -28.30 -10.72
CA SER B 47 -14.81 -27.01 -10.37
C SER B 47 -14.34 -27.09 -8.93
N PHE B 48 -13.09 -26.67 -8.73
CA PHE B 48 -12.48 -26.64 -7.40
C PHE B 48 -11.43 -25.55 -7.26
N TYR B 49 -10.91 -25.39 -6.05
CA TYR B 49 -9.93 -24.37 -5.74
C TYR B 49 -8.68 -24.97 -5.13
N ILE B 50 -7.55 -24.42 -5.53
CA ILE B 50 -6.24 -24.80 -5.00
C ILE B 50 -5.69 -23.61 -4.24
N SER B 51 -5.38 -23.85 -2.97
CA SER B 51 -4.83 -22.84 -2.07
C SER B 51 -3.32 -22.71 -2.23
N THR B 52 -2.87 -21.48 -2.45
CA THR B 52 -1.46 -21.17 -2.72
C THR B 52 -0.99 -19.93 -1.95
N ARG B 53 0.35 -19.75 -1.84
CA ARG B 53 0.92 -18.51 -1.28
CA ARG B 53 0.96 -18.49 -1.32
C ARG B 53 0.27 -17.28 -1.92
N PHE B 54 -0.23 -17.46 -3.15
CA PHE B 54 -0.74 -16.35 -3.95
C PHE B 54 -2.27 -16.20 -4.05
N GLY B 55 -3.00 -17.08 -3.39
CA GLY B 55 -4.48 -17.01 -3.44
C GLY B 55 -5.12 -18.32 -3.80
N GLN B 56 -6.43 -18.27 -4.06
CA GLN B 56 -7.22 -19.45 -4.29
C GLN B 56 -7.42 -19.59 -5.78
N THR B 57 -6.84 -20.62 -6.36
CA THR B 57 -6.85 -20.82 -7.80
C THR B 57 -7.99 -21.71 -8.25
N HIS B 58 -8.84 -21.17 -9.13
CA HIS B 58 -9.93 -21.93 -9.74
C HIS B 58 -9.42 -22.85 -10.85
N VAL B 59 -9.83 -24.12 -10.78
CA VAL B 59 -9.46 -25.14 -11.75
C VAL B 59 -10.72 -25.92 -12.15
N ILE B 60 -10.84 -26.19 -13.46
CA ILE B 60 -11.84 -27.14 -13.98
C ILE B 60 -11.11 -28.41 -14.43
N ALA B 61 -11.49 -29.56 -13.85
CA ALA B 61 -10.88 -30.81 -14.25
C ALA B 61 -11.85 -31.69 -15.03
N SER B 62 -11.30 -32.32 -16.08
CA SER B 62 -12.02 -33.19 -17.00
C SER B 62 -11.11 -34.37 -17.40
N GLY B 63 -11.72 -35.46 -17.87
CA GLY B 63 -11.00 -36.59 -18.40
C GLY B 63 -10.90 -37.72 -17.39
N PRO B 64 -10.28 -38.85 -17.82
CA PRO B 64 -10.18 -40.01 -16.92
C PRO B 64 -9.28 -39.72 -15.74
N GLU B 65 -9.70 -40.12 -14.55
CA GLU B 65 -8.96 -39.73 -13.35
C GLU B 65 -7.52 -40.24 -13.28
N ASP B 66 -7.23 -41.41 -13.85
CA ASP B 66 -5.86 -41.91 -13.87
C ASP B 66 -5.07 -41.58 -15.17
N ALA B 67 -5.67 -40.84 -16.09
CA ALA B 67 -5.00 -40.50 -17.36
C ALA B 67 -3.84 -39.52 -17.11
N PRO B 68 -2.84 -39.47 -18.02
CA PRO B 68 -1.77 -38.49 -17.84
C PRO B 68 -2.25 -37.04 -17.87
N PRO B 69 -1.51 -36.15 -17.19
CA PRO B 69 -1.99 -34.79 -17.04
C PRO B 69 -1.74 -33.89 -18.21
N LEU B 70 -2.65 -32.93 -18.33
CA LEU B 70 -2.58 -31.84 -19.29
C LEU B 70 -3.08 -30.57 -18.57
N VAL B 71 -2.36 -29.48 -18.68
CA VAL B 71 -2.71 -28.21 -18.03
C VAL B 71 -3.00 -27.23 -19.14
N LEU B 72 -4.15 -26.53 -19.07
CA LEU B 72 -4.55 -25.51 -20.06
C LEU B 72 -4.53 -24.10 -19.44
N LEU B 73 -3.92 -23.16 -20.15
CA LEU B 73 -3.86 -21.77 -19.68
C LEU B 73 -4.46 -20.83 -20.71
N HIS B 74 -5.62 -20.26 -20.39
CA HIS B 74 -6.40 -19.40 -21.28
C HIS B 74 -5.74 -18.07 -21.62
N GLY B 75 -6.30 -17.40 -22.59
CA GLY B 75 -5.93 -16.04 -22.88
C GLY B 75 -6.59 -15.01 -21.98
N ALA B 76 -6.08 -13.78 -22.10
CA ALA B 76 -6.52 -12.66 -21.28
C ALA B 76 -8.01 -12.38 -21.36
N LEU B 77 -8.61 -12.19 -20.19
CA LEU B 77 -10.03 -11.81 -20.04
C LEU B 77 -11.07 -12.88 -20.44
N PHE B 78 -10.62 -14.00 -20.99
CA PHE B 78 -11.54 -15.04 -21.52
C PHE B 78 -11.93 -16.17 -20.53
N SER B 79 -11.06 -16.46 -19.56
CA SER B 79 -11.26 -17.53 -18.55
C SER B 79 -11.09 -18.93 -19.11
N SER B 80 -11.10 -19.91 -18.22
CA SER B 80 -11.02 -21.33 -18.62
C SER B 80 -12.24 -21.84 -19.42
N THR B 81 -13.36 -21.10 -19.40
CA THR B 81 -14.54 -21.50 -20.19
C THR B 81 -14.27 -21.50 -21.70
N TRP B 83 -12.15 -23.00 -23.47
CA TRP B 83 -11.74 -24.29 -24.01
C TRP B 83 -12.89 -25.23 -24.42
N TYR B 84 -14.13 -24.74 -24.41
CA TYR B 84 -15.28 -25.58 -24.78
C TYR B 84 -15.17 -26.29 -26.18
N PRO B 85 -14.59 -25.62 -27.21
CA PRO B 85 -14.47 -26.37 -28.47
C PRO B 85 -13.31 -27.39 -28.57
N ASN B 86 -12.50 -27.51 -27.52
CA ASN B 86 -11.32 -28.39 -27.54
C ASN B 86 -11.31 -29.49 -26.50
N ILE B 87 -12.10 -29.33 -25.44
CA ILE B 87 -11.99 -30.21 -24.27
C ILE B 87 -12.49 -31.65 -24.48
N ALA B 88 -13.52 -31.84 -25.28
CA ALA B 88 -14.00 -33.20 -25.57
C ALA B 88 -12.87 -34.02 -26.17
N ASP B 89 -12.14 -33.45 -27.13
CA ASP B 89 -10.99 -34.15 -27.77
C ASP B 89 -9.82 -34.35 -26.82
N TRP B 90 -9.43 -33.28 -26.15
CA TRP B 90 -8.28 -33.34 -25.28
C TRP B 90 -8.50 -34.21 -24.04
N SER B 91 -9.66 -34.09 -23.39
CA SER B 91 -9.93 -34.83 -22.17
C SER B 91 -10.37 -36.28 -22.43
N SER B 92 -10.59 -36.66 -23.68
CA SER B 92 -10.81 -38.07 -23.96
C SER B 92 -9.54 -38.83 -23.63
N LYS B 93 -8.40 -38.14 -23.73
CA LYS B 93 -7.09 -38.77 -23.57
C LYS B 93 -6.31 -38.41 -22.29
N TYR B 94 -6.47 -37.17 -21.84
CA TYR B 94 -5.74 -36.66 -20.68
C TYR B 94 -6.65 -36.21 -19.55
N ARG B 95 -6.16 -36.37 -18.32
CA ARG B 95 -6.79 -35.77 -17.15
C ARG B 95 -6.38 -34.33 -17.32
N THR B 96 -7.34 -33.49 -17.72
CA THR B 96 -7.07 -32.13 -18.13
C THR B 96 -7.47 -31.12 -17.05
N TYR B 97 -6.54 -30.24 -16.68
CA TYR B 97 -6.78 -29.19 -15.69
C TYR B 97 -6.77 -27.83 -16.35
N ALA B 98 -7.93 -27.20 -16.41
CA ALA B 98 -8.04 -25.88 -17.02
C ALA B 98 -7.96 -24.86 -15.87
N VAL B 99 -6.83 -24.16 -15.82
CA VAL B 99 -6.49 -23.30 -14.70
C VAL B 99 -6.79 -21.82 -14.98
N ASP B 100 -7.58 -21.21 -14.12
CA ASP B 100 -7.84 -19.78 -14.19
C ASP B 100 -6.61 -19.04 -13.66
N ILE B 101 -5.97 -18.26 -14.54
CA ILE B 101 -4.75 -17.54 -14.20
C ILE B 101 -5.03 -16.54 -13.08
N ILE B 102 -4.26 -16.66 -12.01
CA ILE B 102 -4.44 -15.88 -10.81
C ILE B 102 -4.25 -14.36 -11.10
N GLY B 103 -5.26 -13.57 -10.75
CA GLY B 103 -5.25 -12.13 -11.01
C GLY B 103 -5.96 -11.70 -12.29
N ASP B 104 -6.17 -12.62 -13.23
CA ASP B 104 -6.89 -12.26 -14.47
C ASP B 104 -8.43 -12.27 -14.21
N LYS B 105 -9.23 -11.79 -15.18
CA LYS B 105 -10.69 -11.74 -14.99
C LYS B 105 -11.31 -13.13 -15.11
N ASN B 106 -11.54 -13.76 -13.97
CA ASN B 106 -12.03 -15.14 -13.94
C ASN B 106 -12.41 -15.50 -12.49
N LYS B 107 -12.57 -16.78 -12.20
CA LYS B 107 -13.00 -17.22 -10.86
C LYS B 107 -11.87 -17.35 -9.82
N SER B 108 -10.61 -17.18 -10.21
CA SER B 108 -9.51 -17.26 -9.23
C SER B 108 -9.46 -15.99 -8.36
N ILE B 109 -9.08 -16.15 -7.09
CA ILE B 109 -9.10 -15.05 -6.14
C ILE B 109 -7.67 -14.74 -5.71
N PRO B 110 -7.10 -13.65 -6.24
CA PRO B 110 -5.72 -13.35 -5.94
C PRO B 110 -5.54 -12.73 -4.56
N GLU B 111 -4.39 -13.00 -3.96
CA GLU B 111 -3.99 -12.42 -2.67
C GLU B 111 -2.52 -12.05 -2.71
N ASN B 112 -2.25 -10.75 -2.74
CA ASN B 112 -0.87 -10.25 -2.70
C ASN B 112 0.01 -10.74 -3.84
N VAL B 113 -0.51 -10.69 -5.06
CA VAL B 113 0.27 -11.11 -6.22
C VAL B 113 1.18 -9.95 -6.62
N SER B 114 2.48 -10.20 -6.62
CA SER B 114 3.48 -9.18 -6.94
C SER B 114 3.42 -8.82 -8.40
N GLY B 115 3.13 -9.82 -9.22
CA GLY B 115 3.09 -9.64 -10.65
C GLY B 115 4.42 -9.89 -11.33
N THR B 116 5.39 -10.45 -10.61
CA THR B 116 6.71 -10.73 -11.17
C THR B 116 6.70 -12.06 -11.91
N ARG B 117 7.57 -12.17 -12.90
CA ARG B 117 7.70 -13.40 -13.66
C ARG B 117 8.09 -14.56 -12.77
N THR B 118 8.97 -14.33 -11.80
CA THR B 118 9.36 -15.39 -10.89
C THR B 118 8.16 -15.85 -10.08
N ASP B 119 7.40 -14.91 -9.53
CA ASP B 119 6.22 -15.28 -8.72
C ASP B 119 5.13 -16.01 -9.50
N TYR B 120 4.84 -15.61 -10.74
CA TYR B 120 3.90 -16.38 -11.59
C TYR B 120 4.34 -17.84 -11.81
N ALA B 121 5.64 -18.06 -11.96
CA ALA B 121 6.18 -19.42 -12.13
C ALA B 121 6.07 -20.23 -10.82
N ASN B 122 6.31 -19.56 -9.70
CA ASN B 122 6.16 -20.15 -8.40
C ASN B 122 4.70 -20.47 -8.08
N TRP B 123 3.78 -19.61 -8.54
CA TRP B 123 2.35 -19.88 -8.39
C TRP B 123 1.97 -21.15 -9.16
N LEU B 124 2.38 -21.26 -10.42
CA LEU B 124 2.04 -22.46 -11.20
C LEU B 124 2.72 -23.72 -10.64
N LEU B 125 3.89 -23.57 -10.04
CA LEU B 125 4.61 -24.70 -9.41
C LEU B 125 3.78 -25.21 -8.23
N ASP B 126 3.24 -24.29 -7.43
CA ASP B 126 2.39 -24.69 -6.30
C ASP B 126 1.11 -25.42 -6.77
N VAL B 127 0.53 -24.98 -7.89
CA VAL B 127 -0.62 -25.64 -8.49
C VAL B 127 -0.25 -27.06 -8.88
N PHE B 128 0.86 -27.21 -9.60
CA PHE B 128 1.35 -28.54 -10.00
C PHE B 128 1.54 -29.40 -8.76
N ASP B 129 2.28 -28.87 -7.78
CA ASP B 129 2.54 -29.61 -6.56
C ASP B 129 1.24 -30.06 -5.87
N ASN B 130 0.29 -29.13 -5.72
CA ASN B 130 -1.00 -29.46 -5.09
C ASN B 130 -1.79 -30.49 -5.90
N LEU B 131 -1.75 -30.39 -7.23
CA LEU B 131 -2.42 -31.37 -8.09
C LEU B 131 -1.69 -32.70 -8.16
N GLY B 132 -0.46 -32.73 -7.63
CA GLY B 132 0.32 -33.97 -7.54
C GLY B 132 1.00 -34.31 -8.83
N ILE B 133 1.20 -33.31 -9.69
CA ILE B 133 1.81 -33.48 -10.99
C ILE B 133 3.33 -33.58 -10.90
N GLU B 134 3.93 -34.54 -11.60
CA GLU B 134 5.38 -34.60 -11.74
C GLU B 134 5.75 -33.82 -13.00
N LYS B 135 5.45 -34.39 -14.16
CA LYS B 135 5.57 -33.69 -15.43
C LYS B 135 4.21 -33.69 -16.10
N SER B 136 3.93 -32.64 -16.86
CA SER B 136 2.66 -32.51 -17.59
C SER B 136 2.88 -31.90 -18.96
N HIS B 137 2.02 -32.26 -19.92
CA HIS B 137 1.93 -31.52 -21.17
C HIS B 137 1.21 -30.19 -20.79
N ILE B 139 -0.79 -26.52 -22.53
CA ILE B 139 -1.28 -25.75 -23.69
C ILE B 139 -1.66 -24.36 -23.18
N GLY B 140 -1.12 -23.31 -23.80
CA GLY B 140 -1.47 -21.96 -23.41
C GLY B 140 -1.73 -21.13 -24.62
N LEU B 141 -2.77 -20.28 -24.55
CA LEU B 141 -3.09 -19.35 -25.58
C LEU B 141 -3.00 -17.92 -25.04
N SER B 142 -2.38 -17.07 -25.85
CA SER B 142 -2.20 -15.65 -25.57
C SER B 142 -1.47 -15.51 -24.23
N LEU B 143 -2.08 -14.85 -23.25
CA LEU B 143 -1.48 -14.70 -21.92
C LEU B 143 -1.06 -16.05 -21.36
N GLY B 144 -1.88 -17.08 -21.58
CA GLY B 144 -1.57 -18.42 -21.10
C GLY B 144 -0.35 -18.99 -21.80
N GLY B 145 -0.14 -18.57 -23.05
CA GLY B 145 1.05 -18.97 -23.83
C GLY B 145 2.34 -18.37 -23.28
N LEU B 146 2.24 -17.11 -22.82
CA LEU B 146 3.33 -16.38 -22.19
C LEU B 146 3.68 -16.97 -20.80
N HIS B 147 2.66 -17.33 -20.02
CA HIS B 147 2.90 -18.06 -18.76
C HIS B 147 3.59 -19.42 -19.01
N THR B 148 3.27 -20.03 -20.14
CA THR B 148 3.75 -21.36 -20.49
C THR B 148 5.22 -21.28 -20.86
N ASN B 150 7.27 -18.83 -20.04
CA ASN B 150 7.93 -18.46 -18.79
C ASN B 150 8.16 -19.65 -17.86
N PHE B 151 7.14 -20.49 -17.71
CA PHE B 151 7.22 -21.64 -16.80
C PHE B 151 8.18 -22.68 -17.34
N LEU B 152 8.11 -22.99 -18.63
CA LEU B 152 8.96 -24.05 -19.22
C LEU B 152 10.44 -23.69 -19.25
N LEU B 153 10.75 -22.40 -19.34
CA LEU B 153 12.14 -21.96 -19.30
C LEU B 153 12.70 -22.01 -17.90
N ARG B 154 11.83 -21.82 -16.90
CA ARG B 154 12.25 -21.83 -15.50
C ARG B 154 12.20 -23.20 -14.82
N PRO B 156 11.87 -26.55 -16.42
CA PRO B 156 11.78 -27.57 -17.47
C PRO B 156 11.45 -28.95 -16.95
N GLU B 157 12.03 -29.30 -15.82
CA GLU B 157 11.81 -30.63 -15.24
C GLU B 157 10.32 -30.93 -14.90
N ARG B 158 9.43 -29.94 -14.99
CA ARG B 158 8.01 -30.18 -14.70
C ARG B 158 7.12 -30.21 -15.95
N VAL B 159 7.73 -30.03 -17.12
CA VAL B 159 6.99 -29.98 -18.38
C VAL B 159 7.46 -31.10 -19.28
N LYS B 160 6.52 -31.85 -19.86
CA LYS B 160 6.85 -32.86 -20.87
C LYS B 160 7.09 -32.09 -22.17
N SER B 161 6.01 -31.69 -22.83
CA SER B 161 6.08 -30.84 -24.01
C SER B 161 5.06 -29.71 -23.84
N ALA B 162 5.17 -28.67 -24.66
CA ALA B 162 4.30 -27.49 -24.55
C ALA B 162 3.80 -26.94 -25.89
N ALA B 163 2.49 -26.70 -25.97
CA ALA B 163 1.86 -26.08 -27.15
C ALA B 163 1.59 -24.61 -26.86
N ILE B 164 2.30 -23.73 -27.56
CA ILE B 164 2.13 -22.31 -27.35
C ILE B 164 1.35 -21.75 -28.52
N LEU B 165 0.16 -21.25 -28.22
CA LEU B 165 -0.78 -20.77 -29.23
C LEU B 165 -0.90 -19.23 -29.16
N SER B 166 -0.60 -18.53 -30.25
CA SER B 166 -0.78 -17.08 -30.29
C SER B 166 -0.37 -16.37 -28.99
N PRO B 167 0.90 -16.52 -28.59
CA PRO B 167 1.27 -16.04 -27.25
C PRO B 167 1.28 -14.52 -27.14
N ALA B 168 1.01 -14.00 -25.95
CA ALA B 168 1.03 -12.56 -25.76
C ALA B 168 2.48 -12.19 -25.71
N GLU B 169 2.88 -11.22 -26.53
CA GLU B 169 4.27 -10.85 -26.73
C GLU B 169 5.15 -12.12 -26.89
N THR B 170 6.07 -12.39 -25.97
CA THR B 170 6.92 -13.60 -26.03
C THR B 170 8.00 -13.50 -27.13
N PHE B 171 7.57 -13.36 -28.37
CA PHE B 171 8.51 -13.24 -29.49
C PHE B 171 8.64 -11.81 -30.00
N LEU B 172 7.51 -11.13 -30.12
CA LEU B 172 7.53 -9.74 -30.58
C LEU B 172 6.73 -8.90 -29.59
N PRO B 173 7.05 -7.60 -29.47
CA PRO B 173 6.17 -6.72 -28.68
C PRO B 173 4.80 -6.54 -29.34
N PHE B 174 3.80 -6.13 -28.55
CA PHE B 174 2.48 -5.83 -29.07
C PHE B 174 2.52 -4.67 -30.05
N HIS B 175 1.74 -4.78 -31.13
CA HIS B 175 1.51 -3.64 -31.99
C HIS B 175 0.57 -2.72 -31.20
N HIS B 176 0.76 -1.43 -31.34
CA HIS B 176 0.01 -0.43 -30.56
C HIS B 176 -1.50 -0.52 -30.73
N ASP B 177 -1.96 -1.02 -31.87
CA ASP B 177 -3.40 -1.17 -32.09
C ASP B 177 -4.03 -2.07 -31.03
N PHE B 178 -3.29 -3.06 -30.53
CA PHE B 178 -3.85 -3.91 -29.49
C PHE B 178 -4.30 -3.08 -28.30
N TYR B 179 -3.42 -2.17 -27.92
CA TYR B 179 -3.65 -1.26 -26.82
C TYR B 179 -4.76 -0.29 -27.13
N LYS B 180 -4.80 0.23 -28.34
CA LYS B 180 -5.86 1.16 -28.71
C LYS B 180 -7.24 0.48 -28.69
N TYR B 181 -7.33 -0.76 -29.14
CA TYR B 181 -8.61 -1.45 -29.11
C TYR B 181 -8.98 -1.88 -27.69
N ALA B 182 -7.99 -2.35 -26.94
CA ALA B 182 -8.16 -2.75 -25.55
C ALA B 182 -8.68 -1.59 -24.70
N LEU B 183 -8.07 -0.41 -24.83
CA LEU B 183 -8.52 0.74 -24.06
C LEU B 183 -9.98 1.08 -24.35
N GLY B 184 -10.50 0.72 -25.52
CA GLY B 184 -11.91 0.97 -25.83
C GLY B 184 -12.90 -0.04 -25.28
N LEU B 185 -12.42 -1.15 -24.70
CA LEU B 185 -13.32 -2.21 -24.21
C LEU B 185 -14.43 -1.69 -23.30
N THR B 186 -14.07 -0.74 -22.43
CA THR B 186 -15.01 -0.13 -21.45
C THR B 186 -15.61 1.16 -22.00
N ALA B 187 -16.41 0.99 -23.05
CA ALA B 187 -17.10 2.06 -23.71
C ALA B 187 -18.28 1.41 -24.37
N SER B 188 -19.30 2.21 -24.62
CA SER B 188 -20.46 1.74 -25.36
C SER B 188 -19.97 1.15 -26.70
N ASN B 189 -20.32 -0.11 -26.94
CA ASN B 189 -19.93 -0.84 -28.14
C ASN B 189 -18.45 -1.25 -28.18
N GLY B 190 -17.76 -1.13 -27.05
CA GLY B 190 -16.34 -1.41 -27.00
C GLY B 190 -15.95 -2.86 -27.23
N VAL B 191 -16.80 -3.78 -26.78
CA VAL B 191 -16.54 -5.20 -26.91
C VAL B 191 -16.77 -5.67 -28.33
N GLU B 192 -17.91 -5.33 -28.91
CA GLU B 192 -18.15 -5.67 -30.31
C GLU B 192 -17.03 -5.10 -31.19
N THR B 193 -16.60 -3.87 -30.91
CA THR B 193 -15.52 -3.27 -31.69
C THR B 193 -14.24 -4.07 -31.54
N PHE B 194 -13.90 -4.43 -30.30
CA PHE B 194 -12.69 -5.17 -30.02
C PHE B 194 -12.74 -6.50 -30.73
N LEU B 195 -13.85 -7.21 -30.53
CA LEU B 195 -13.99 -8.55 -31.12
C LEU B 195 -14.03 -8.52 -32.64
N ASN B 196 -14.75 -7.57 -33.22
CA ASN B 196 -14.83 -7.41 -34.69
C ASN B 196 -13.44 -7.24 -35.28
N TRP B 197 -12.58 -6.53 -34.55
CA TRP B 197 -11.18 -6.31 -34.95
C TRP B 197 -10.32 -7.57 -34.83
N ASN B 200 -11.58 -10.61 -37.16
CA ASN B 200 -11.67 -10.44 -38.62
C ASN B 200 -13.13 -10.34 -39.10
N ASP B 201 -13.97 -9.73 -38.26
CA ASP B 201 -15.40 -9.54 -38.53
C ASP B 201 -16.18 -10.85 -38.70
N GLN B 202 -15.71 -11.92 -38.05
CA GLN B 202 -16.34 -13.23 -38.16
C GLN B 202 -17.14 -13.52 -36.90
N ASN B 203 -18.17 -14.35 -37.02
CA ASN B 203 -19.02 -14.76 -35.88
C ASN B 203 -18.64 -16.18 -35.44
N VAL B 204 -17.58 -16.28 -34.65
CA VAL B 204 -17.05 -17.59 -34.23
C VAL B 204 -17.38 -17.97 -32.77
N LEU B 205 -17.44 -16.96 -31.89
CA LEU B 205 -17.69 -17.21 -30.47
C LEU B 205 -19.16 -17.46 -30.22
N HIS B 206 -19.46 -18.36 -29.30
CA HIS B 206 -20.83 -18.61 -28.93
C HIS B 206 -21.34 -17.35 -28.20
N PRO B 207 -22.57 -16.89 -28.52
CA PRO B 207 -23.16 -15.74 -27.84
C PRO B 207 -23.08 -15.80 -26.31
N ILE B 208 -23.22 -16.99 -25.74
CA ILE B 208 -23.12 -17.18 -24.29
C ILE B 208 -21.71 -16.86 -23.80
N PHE B 209 -20.71 -17.26 -24.58
CA PHE B 209 -19.33 -16.98 -24.20
C PHE B 209 -19.07 -15.48 -24.29
N VAL B 210 -19.67 -14.82 -25.27
CA VAL B 210 -19.47 -13.38 -25.45
C VAL B 210 -20.12 -12.61 -24.32
N LYS B 211 -21.29 -13.06 -23.88
CA LYS B 211 -22.00 -12.46 -22.74
C LYS B 211 -21.11 -12.46 -21.48
N GLN B 212 -20.37 -13.54 -21.27
CA GLN B 212 -19.41 -13.66 -20.16
C GLN B 212 -18.22 -12.71 -20.37
N PHE B 213 -17.66 -12.70 -21.57
CA PHE B 213 -16.52 -11.82 -21.83
C PHE B 213 -16.90 -10.38 -21.51
N LYS B 214 -18.05 -9.94 -22.03
CA LYS B 214 -18.59 -8.62 -21.73
C LYS B 214 -18.88 -8.42 -20.23
N ALA B 215 -19.42 -9.43 -19.55
CA ALA B 215 -19.70 -9.32 -18.09
C ALA B 215 -18.42 -9.12 -17.26
N GLY B 216 -17.33 -9.74 -17.71
CA GLY B 216 -16.03 -9.57 -17.06
C GLY B 216 -15.51 -8.16 -17.26
N VAL B 217 -15.64 -7.63 -18.48
CA VAL B 217 -15.21 -6.24 -18.79
C VAL B 217 -15.91 -5.25 -17.87
N TRP B 219 -17.09 -5.94 -14.92
CA TRP B 219 -16.81 -6.22 -13.52
C TRP B 219 -15.48 -5.57 -13.15
N GLN B 220 -15.59 -4.31 -12.71
CA GLN B 220 -14.42 -3.48 -12.44
C GLN B 220 -14.12 -3.22 -10.96
N ASP B 221 -14.90 -3.78 -10.05
CA ASP B 221 -14.71 -3.50 -8.61
C ASP B 221 -14.24 -4.73 -7.80
N GLY B 222 -13.59 -5.67 -8.46
CA GLY B 222 -13.09 -6.86 -7.77
C GLY B 222 -11.69 -6.63 -7.27
N SER B 223 -10.78 -7.54 -7.61
CA SER B 223 -9.38 -7.43 -7.20
C SER B 223 -8.65 -6.27 -7.86
N ARG B 224 -7.61 -5.79 -7.19
CA ARG B 224 -6.69 -4.84 -7.79
C ARG B 224 -5.79 -5.63 -8.73
N ASN B 225 -5.18 -4.91 -9.68
CA ASN B 225 -4.20 -5.50 -10.58
C ASN B 225 -2.81 -5.27 -9.98
N PRO B 226 -1.88 -6.22 -10.17
CA PRO B 226 -0.52 -5.84 -9.78
C PRO B 226 -0.09 -4.61 -10.58
N ASN B 227 0.73 -3.75 -10.00
CA ASN B 227 1.20 -2.58 -10.73
C ASN B 227 2.03 -3.02 -11.92
N PRO B 228 1.93 -2.28 -13.04
CA PRO B 228 2.83 -2.56 -14.15
C PRO B 228 4.28 -2.71 -13.66
N ASN B 229 5.06 -3.54 -14.35
CA ASN B 229 6.38 -3.96 -13.88
C ASN B 229 7.19 -4.55 -15.03
N ALA B 230 8.37 -3.98 -15.29
CA ALA B 230 9.27 -4.49 -16.33
C ALA B 230 9.73 -5.92 -16.05
N ASP B 231 9.65 -6.33 -14.78
CA ASP B 231 9.96 -7.70 -14.40
C ASP B 231 8.74 -8.58 -14.33
N GLY B 232 7.63 -8.12 -14.92
CA GLY B 232 6.41 -8.92 -15.01
C GLY B 232 5.96 -9.15 -16.44
N PHE B 233 4.67 -9.40 -16.62
CA PHE B 233 4.10 -9.58 -17.95
C PHE B 233 3.32 -8.33 -18.38
N PRO B 234 3.21 -8.08 -19.69
CA PRO B 234 3.74 -8.86 -20.82
C PRO B 234 5.25 -8.73 -20.97
N TYR B 235 5.85 -9.63 -21.76
CA TYR B 235 7.32 -9.65 -21.89
C TYR B 235 7.78 -10.31 -23.19
N VAL B 236 8.94 -9.87 -23.69
CA VAL B 236 9.54 -10.45 -24.91
C VAL B 236 10.84 -11.11 -24.44
N PHE B 237 11.00 -12.41 -24.70
CA PHE B 237 12.17 -13.15 -24.25
C PHE B 237 13.36 -12.80 -25.12
N THR B 238 14.54 -12.78 -24.50
CA THR B 238 15.77 -12.46 -25.22
C THR B 238 16.16 -13.63 -26.09
N ASP B 239 17.13 -13.41 -26.96
CA ASP B 239 17.62 -14.45 -27.83
C ASP B 239 18.17 -15.57 -26.97
N GLU B 240 18.98 -15.22 -25.98
CA GLU B 240 19.60 -16.23 -25.12
C GLU B 240 18.54 -16.96 -24.30
N GLU B 241 17.55 -16.24 -23.82
CA GLU B 241 16.42 -16.89 -23.14
C GLU B 241 15.75 -17.88 -24.05
N LEU B 242 15.44 -17.48 -25.29
CA LEU B 242 14.82 -18.41 -26.24
C LEU B 242 15.71 -19.62 -26.51
N ARG B 243 17.01 -19.37 -26.62
CA ARG B 243 17.99 -20.46 -26.83
C ARG B 243 18.10 -21.43 -25.63
N SER B 244 17.74 -20.98 -24.43
CA SER B 244 17.79 -21.86 -23.23
C SER B 244 16.71 -22.94 -23.18
N ALA B 245 15.72 -22.89 -24.06
CA ALA B 245 14.58 -23.82 -24.02
C ALA B 245 15.05 -25.26 -24.18
N ARG B 246 14.55 -26.14 -23.30
CA ARG B 246 15.01 -27.53 -23.22
C ARG B 246 13.88 -28.55 -23.19
N VAL B 247 12.70 -28.17 -23.66
CA VAL B 247 11.58 -29.09 -23.80
C VAL B 247 11.00 -28.90 -25.19
N PRO B 248 10.34 -29.94 -25.72
CA PRO B 248 9.73 -29.81 -27.04
C PRO B 248 8.55 -28.83 -27.04
N ILE B 249 8.52 -27.95 -28.02
CA ILE B 249 7.50 -26.89 -28.12
C ILE B 249 6.87 -26.84 -29.51
N LEU B 250 5.55 -26.67 -29.53
CA LEU B 250 4.76 -26.43 -30.75
C LEU B 250 4.28 -25.00 -30.66
N LEU B 251 4.59 -24.19 -31.68
CA LEU B 251 4.06 -22.84 -31.78
C LEU B 251 3.07 -22.77 -32.93
N LEU B 252 1.83 -22.39 -32.64
CA LEU B 252 0.86 -22.18 -33.67
C LEU B 252 0.48 -20.71 -33.64
N LEU B 253 0.38 -20.12 -34.83
CA LEU B 253 0.02 -18.72 -35.01
C LEU B 253 -1.03 -18.67 -36.10
N GLY B 254 -1.76 -17.56 -36.18
CA GLY B 254 -2.81 -17.45 -37.17
C GLY B 254 -2.43 -16.53 -38.29
N GLU B 255 -2.80 -16.89 -39.51
CA GLU B 255 -2.46 -16.06 -40.65
C GLU B 255 -3.03 -14.65 -40.49
N HIS B 256 -4.16 -14.51 -39.82
CA HIS B 256 -4.78 -13.18 -39.64
C HIS B 256 -4.55 -12.61 -38.26
N GLU B 257 -3.39 -12.88 -37.68
CA GLU B 257 -3.05 -12.35 -36.37
C GLU B 257 -2.98 -10.83 -36.45
N VAL B 258 -3.50 -10.16 -35.42
CA VAL B 258 -3.52 -8.68 -35.35
C VAL B 258 -2.62 -8.09 -34.28
N ILE B 259 -2.22 -8.86 -33.27
CA ILE B 259 -1.41 -8.28 -32.20
C ILE B 259 0.06 -8.10 -32.57
N TYR B 260 0.46 -8.68 -33.69
CA TYR B 260 1.83 -8.59 -34.21
C TYR B 260 1.87 -9.41 -35.52
N ASP B 261 2.99 -9.33 -36.24
CA ASP B 261 3.15 -10.00 -37.53
C ASP B 261 3.48 -11.45 -37.26
N PRO B 262 2.56 -12.37 -37.66
CA PRO B 262 2.73 -13.80 -37.36
C PRO B 262 3.95 -14.43 -38.04
N HIS B 263 4.26 -13.95 -39.24
CA HIS B 263 5.42 -14.47 -39.97
C HIS B 263 6.73 -14.05 -39.34
N SER B 264 6.78 -12.83 -38.80
CA SER B 264 7.98 -12.34 -38.18
C SER B 264 8.18 -13.04 -36.84
N ALA B 265 7.07 -13.35 -36.17
CA ALA B 265 7.08 -14.07 -34.91
C ALA B 265 7.54 -15.50 -35.15
N LEU B 266 7.03 -16.12 -36.21
CA LEU B 266 7.46 -17.49 -36.55
C LEU B 266 8.95 -17.53 -36.85
N HIS B 267 9.38 -16.64 -37.74
CA HIS B 267 10.80 -16.57 -38.05
C HIS B 267 11.64 -16.45 -36.79
N ARG B 268 11.28 -15.56 -35.87
CA ARG B 268 12.09 -15.36 -34.66
C ARG B 268 12.16 -16.63 -33.78
N ALA B 269 11.00 -17.26 -33.55
CA ALA B 269 10.91 -18.49 -32.77
C ALA B 269 11.77 -19.62 -33.34
N SER B 270 11.64 -19.83 -34.65
CA SER B 270 12.38 -20.86 -35.39
C SER B 270 13.88 -20.63 -35.35
N SER B 271 14.28 -19.36 -35.38
CA SER B 271 15.68 -19.02 -35.38
C SER B 271 16.39 -19.35 -34.08
N PHE B 272 15.67 -19.30 -32.96
CA PHE B 272 16.27 -19.40 -31.62
C PHE B 272 15.86 -20.55 -30.70
N VAL B 273 14.63 -21.04 -30.81
CA VAL B 273 14.14 -22.08 -29.89
C VAL B 273 14.58 -23.43 -30.47
N PRO B 274 15.39 -24.20 -29.73
CA PRO B 274 15.85 -25.46 -30.29
C PRO B 274 14.75 -26.48 -30.53
N ASP B 275 14.77 -27.11 -31.71
CA ASP B 275 13.83 -28.19 -32.08
C ASP B 275 12.33 -27.81 -32.08
N ILE B 276 12.03 -26.51 -32.16
CA ILE B 276 10.63 -26.07 -32.16
C ILE B 276 9.90 -26.55 -33.41
N GLU B 277 8.60 -26.83 -33.28
CA GLU B 277 7.72 -27.12 -34.40
C GLU B 277 6.82 -25.88 -34.45
N ALA B 278 6.80 -25.18 -35.56
CA ALA B 278 6.06 -23.93 -35.65
C ALA B 278 5.35 -23.79 -36.99
N GLU B 279 4.13 -23.26 -36.96
CA GLU B 279 3.39 -23.03 -38.20
C GLU B 279 2.39 -21.92 -38.07
N VAL B 280 2.09 -21.26 -39.19
CA VAL B 280 1.08 -20.23 -39.24
C VAL B 280 -0.14 -20.93 -39.84
N ILE B 281 -1.27 -20.91 -39.14
CA ILE B 281 -2.48 -21.62 -39.55
C ILE B 281 -3.36 -20.76 -40.46
N LYS B 282 -3.87 -21.39 -41.51
CA LYS B 282 -4.80 -20.74 -42.44
C LYS B 282 -6.18 -20.55 -41.84
N ASN B 283 -6.86 -19.49 -42.29
CA ASN B 283 -8.26 -19.26 -41.93
C ASN B 283 -8.43 -19.11 -40.40
N ALA B 284 -7.42 -18.51 -39.77
CA ALA B 284 -7.42 -18.25 -38.33
C ALA B 284 -6.59 -17.00 -38.01
N GLY B 285 -6.91 -16.38 -36.87
CA GLY B 285 -6.22 -15.22 -36.36
C GLY B 285 -5.67 -15.52 -34.98
N HIS B 286 -5.90 -14.60 -34.05
CA HIS B 286 -5.37 -14.76 -32.70
C HIS B 286 -5.99 -15.92 -31.94
N VAL B 287 -7.31 -15.98 -31.87
CA VAL B 287 -7.99 -17.00 -31.05
C VAL B 287 -8.24 -18.27 -31.87
N LEU B 288 -7.15 -18.80 -32.39
CA LEU B 288 -7.17 -19.90 -33.33
C LEU B 288 -7.81 -21.21 -32.84
N SER B 289 -7.80 -21.42 -31.52
CA SER B 289 -8.34 -22.64 -30.91
C SER B 289 -9.86 -22.73 -31.00
N GLU B 291 -11.40 -20.72 -33.51
CA GLU B 291 -11.64 -20.46 -34.95
C GLU B 291 -11.49 -21.71 -35.77
N GLN B 292 -10.50 -22.53 -35.47
CA GLN B 292 -10.28 -23.78 -36.21
C GLN B 292 -10.02 -24.91 -35.22
N PRO B 293 -11.03 -25.24 -34.41
CA PRO B 293 -10.84 -26.29 -33.38
C PRO B 293 -10.50 -27.67 -33.94
N THR B 294 -11.23 -28.11 -34.96
CA THR B 294 -10.98 -29.42 -35.55
C THR B 294 -9.47 -29.52 -35.85
N TYR B 295 -8.95 -28.59 -36.64
CA TYR B 295 -7.53 -28.62 -37.02
C TYR B 295 -6.62 -28.50 -35.81
N VAL B 296 -6.88 -27.51 -34.97
CA VAL B 296 -6.02 -27.26 -33.81
C VAL B 296 -6.01 -28.45 -32.85
N ASN B 297 -7.16 -29.07 -32.63
CA ASN B 297 -7.25 -30.19 -31.70
C ASN B 297 -6.35 -31.35 -32.15
N GLU B 298 -6.41 -31.74 -33.43
CA GLU B 298 -5.59 -32.87 -33.94
C GLU B 298 -4.13 -32.50 -33.98
N ARG B 299 -3.84 -31.32 -34.48
CA ARG B 299 -2.45 -30.88 -34.55
C ARG B 299 -1.69 -30.93 -33.19
N VAL B 300 -2.32 -30.45 -32.12
CA VAL B 300 -1.70 -30.43 -30.80
C VAL B 300 -1.58 -31.86 -30.23
N ARG B 302 -1.42 -34.55 -32.04
CA ARG B 302 -0.41 -35.20 -32.86
C ARG B 302 0.96 -34.89 -32.28
N PHE B 303 1.19 -33.60 -31.99
CA PHE B 303 2.44 -33.14 -31.40
C PHE B 303 2.78 -33.81 -30.05
N PHE B 304 1.78 -33.92 -29.17
CA PHE B 304 1.98 -34.56 -27.87
C PHE B 304 2.08 -36.09 -27.95
N ASN B 305 1.45 -36.69 -28.96
CA ASN B 305 1.29 -38.15 -29.01
C ASN B 305 2.54 -38.93 -29.34
N ALA B 306 3.31 -38.40 -30.28
CA ALA B 306 4.54 -39.07 -30.71
C ALA B 306 5.58 -38.05 -31.17
N GLU C 22 21.03 -12.02 4.59
CA GLU C 22 22.28 -12.47 5.27
C GLU C 22 22.21 -12.06 6.74
N LEU C 23 22.48 -13.01 7.64
CA LEU C 23 22.46 -12.74 9.08
C LEU C 23 23.38 -11.55 9.35
N SER C 24 22.82 -10.43 9.83
CA SER C 24 23.60 -9.21 10.06
C SER C 24 24.57 -9.39 11.21
N ASP C 25 25.39 -8.38 11.44
CA ASP C 25 26.36 -8.38 12.52
C ASP C 25 25.65 -8.53 13.88
N ASN C 26 24.54 -7.83 14.07
CA ASN C 26 23.77 -7.96 15.32
C ASN C 26 23.10 -9.33 15.42
N GLY C 27 22.67 -9.87 14.28
CA GLY C 27 22.10 -11.23 14.24
C GLY C 27 23.17 -12.24 14.65
N ILE C 28 24.39 -12.00 14.19
CA ILE C 28 25.50 -12.88 14.51
C ILE C 28 25.77 -12.85 16.01
N ARG C 29 25.84 -11.66 16.59
CA ARG C 29 26.00 -11.52 18.03
C ARG C 29 24.85 -12.14 18.80
N TYR C 30 23.61 -12.02 18.29
CA TYR C 30 22.48 -12.57 19.00
C TYR C 30 22.65 -14.08 19.05
N TYR C 31 22.94 -14.69 17.90
CA TYR C 31 23.19 -16.14 17.83
C TYR C 31 24.27 -16.61 18.81
N GLN C 32 25.33 -15.81 18.97
CA GLN C 32 26.40 -16.08 19.95
C GLN C 32 25.82 -16.05 21.37
N THR C 33 25.04 -15.02 21.69
CA THR C 33 24.45 -14.96 23.04
C THR C 33 23.48 -16.13 23.29
N TYR C 34 22.86 -16.63 22.23
CA TYR C 34 21.94 -17.76 22.34
C TYR C 34 22.73 -19.03 22.74
N ASN C 35 23.86 -19.27 22.10
CA ASN C 35 24.70 -20.44 22.38
C ASN C 35 25.28 -20.38 23.80
N GLU C 36 25.67 -19.19 24.22
CA GLU C 36 26.10 -18.97 25.61
C GLU C 36 25.00 -19.27 26.63
N SER C 37 23.76 -18.86 26.35
CA SER C 37 22.64 -19.18 27.25
C SER C 37 22.43 -20.69 27.35
N LEU C 38 22.76 -21.44 26.31
CA LEU C 38 22.61 -22.90 26.38
C LEU C 38 23.59 -23.61 27.34
N SER C 39 24.64 -22.92 27.76
CA SER C 39 25.54 -23.48 28.77
C SER C 39 24.85 -23.52 30.12
N LEU C 40 23.75 -22.78 30.30
CA LEU C 40 22.98 -22.84 31.54
C LEU C 40 22.08 -24.08 31.56
N TRP C 41 21.92 -24.73 30.42
CA TRP C 41 21.06 -25.89 30.28
C TRP C 41 21.69 -27.05 31.06
N PRO C 42 21.01 -27.55 32.10
CA PRO C 42 21.60 -28.52 33.03
C PRO C 42 21.60 -29.99 32.59
N VAL C 43 21.18 -30.28 31.37
CA VAL C 43 21.17 -31.64 30.87
C VAL C 43 21.70 -31.64 29.45
N ARG C 44 22.07 -32.81 28.95
CA ARG C 44 22.50 -32.91 27.57
C ARG C 44 21.33 -32.59 26.64
N CYS C 45 21.62 -31.80 25.61
CA CYS C 45 20.60 -31.48 24.61
C CYS C 45 21.21 -31.50 23.22
N LYS C 46 20.37 -31.36 22.19
CA LYS C 46 20.89 -31.23 20.86
C LYS C 46 19.99 -30.20 20.16
N SER C 47 20.62 -29.31 19.40
CA SER C 47 19.93 -28.27 18.67
C SER C 47 19.95 -28.62 17.18
N PHE C 48 18.82 -28.41 16.51
CA PHE C 48 18.71 -28.67 15.09
C PHE C 48 17.56 -27.91 14.49
N TYR C 49 17.51 -27.90 13.16
CA TYR C 49 16.44 -27.23 12.44
C TYR C 49 15.53 -28.27 11.84
N ILE C 50 14.27 -27.89 11.74
CA ILE C 50 13.19 -28.68 11.16
C ILE C 50 12.61 -27.85 10.04
N SER C 51 12.37 -28.47 8.89
CA SER C 51 11.70 -27.76 7.81
C SER C 51 10.20 -27.63 8.09
N THR C 52 9.62 -26.49 7.71
CA THR C 52 8.17 -26.33 7.70
C THR C 52 7.78 -25.55 6.44
N ARG C 53 6.48 -25.45 6.19
CA ARG C 53 5.94 -24.57 5.15
C ARG C 53 6.27 -23.11 5.37
N PHE C 54 6.47 -22.69 6.62
CA PHE C 54 6.79 -21.28 6.88
C PHE C 54 8.22 -21.05 7.37
N GLY C 55 9.15 -21.95 7.03
CA GLY C 55 10.56 -21.75 7.32
C GLY C 55 11.22 -22.74 8.28
N GLN C 56 12.55 -22.66 8.31
CA GLN C 56 13.39 -23.53 9.12
C GLN C 56 13.20 -23.18 10.57
N THR C 57 12.79 -24.16 11.35
CA THR C 57 12.45 -23.97 12.74
C THR C 57 13.46 -24.59 13.69
N HIS C 58 13.94 -23.79 14.63
CA HIS C 58 14.95 -24.27 15.57
C HIS C 58 14.31 -25.03 16.72
N VAL C 59 14.88 -26.19 17.03
CA VAL C 59 14.42 -27.03 18.11
C VAL C 59 15.59 -27.42 19.01
N ILE C 60 15.34 -27.47 20.32
CA ILE C 60 16.27 -28.07 21.29
C ILE C 60 15.60 -29.30 21.89
N ALA C 61 16.21 -30.47 21.64
CA ALA C 61 15.69 -31.76 22.14
C ALA C 61 16.47 -32.26 23.35
N SER C 62 15.71 -32.71 24.36
CA SER C 62 16.25 -33.22 25.61
C SER C 62 15.38 -34.37 26.07
N GLY C 63 15.91 -35.18 26.98
CA GLY C 63 15.18 -36.29 27.56
C GLY C 63 15.43 -37.59 26.82
N PRO C 64 14.86 -38.71 27.33
CA PRO C 64 15.04 -40.03 26.75
C PRO C 64 14.41 -40.13 25.38
N GLU C 65 15.12 -40.71 24.41
CA GLU C 65 14.63 -40.78 23.04
C GLU C 65 13.27 -41.42 22.89
N ASP C 66 12.96 -42.42 23.71
CA ASP C 66 11.67 -43.09 23.55
C ASP C 66 10.67 -42.84 24.68
N ALA C 67 10.86 -41.72 25.38
CA ALA C 67 9.92 -41.24 26.39
C ALA C 67 8.79 -40.50 25.67
N PRO C 68 7.62 -40.36 26.33
CA PRO C 68 6.54 -39.65 25.64
C PRO C 68 6.91 -38.19 25.35
N PRO C 69 6.40 -37.63 24.25
CA PRO C 69 6.79 -36.28 23.84
C PRO C 69 6.20 -35.13 24.68
N LEU C 70 6.94 -34.04 24.73
CA LEU C 70 6.54 -32.84 25.42
C LEU C 70 7.07 -31.68 24.59
N VAL C 71 6.19 -30.79 24.18
CA VAL C 71 6.56 -29.64 23.37
C VAL C 71 6.47 -28.39 24.25
N LEU C 72 7.51 -27.55 24.22
CA LEU C 72 7.56 -26.29 24.99
C LEU C 72 7.57 -25.10 24.05
N LEU C 73 6.69 -24.12 24.31
CA LEU C 73 6.64 -22.89 23.53
C LEU C 73 6.90 -21.71 24.44
N HIS C 74 8.02 -21.05 24.17
CA HIS C 74 8.57 -20.01 25.03
C HIS C 74 7.77 -18.70 24.98
N GLY C 75 8.14 -17.80 25.87
CA GLY C 75 7.57 -16.45 25.93
C GLY C 75 8.21 -15.56 24.89
N ALA C 76 7.55 -14.45 24.59
CA ALA C 76 7.97 -13.54 23.52
C ALA C 76 9.35 -12.98 23.81
N LEU C 77 10.17 -12.84 22.77
CA LEU C 77 11.53 -12.31 22.89
C LEU C 77 12.54 -13.11 23.74
N PHE C 78 12.07 -14.15 24.45
CA PHE C 78 12.93 -14.93 25.39
C PHE C 78 13.67 -16.16 24.77
N SER C 79 13.08 -16.69 23.71
CA SER C 79 13.60 -17.88 23.02
C SER C 79 13.45 -19.13 23.86
N SER C 80 13.75 -20.28 23.25
CA SER C 80 13.73 -21.57 23.93
C SER C 80 14.75 -21.73 25.05
N THR C 81 15.78 -20.89 25.06
CA THR C 81 16.81 -20.95 26.10
C THR C 81 16.27 -20.70 27.51
N TRP C 83 14.06 -22.08 29.25
CA TRP C 83 13.60 -23.27 29.98
C TRP C 83 14.65 -23.96 30.86
N TYR C 84 15.81 -23.34 31.00
CA TYR C 84 16.91 -23.89 31.80
C TYR C 84 16.52 -24.23 33.24
N PRO C 85 15.67 -23.42 33.91
CA PRO C 85 15.27 -23.75 35.27
C PRO C 85 14.26 -24.91 35.38
N ASN C 86 13.66 -25.31 34.27
CA ASN C 86 12.59 -26.33 34.30
C ASN C 86 12.95 -27.66 33.63
N ILE C 87 13.96 -27.64 32.77
CA ILE C 87 14.24 -28.77 31.87
C ILE C 87 14.86 -30.02 32.50
N ALA C 88 15.61 -29.86 33.58
CA ALA C 88 16.13 -31.03 34.29
C ALA C 88 14.94 -31.90 34.74
N ASP C 89 13.98 -31.29 35.43
CA ASP C 89 12.80 -32.01 35.93
C ASP C 89 11.95 -32.56 34.78
N TRP C 90 11.55 -31.69 33.85
CA TRP C 90 10.66 -32.12 32.75
C TRP C 90 11.23 -33.19 31.81
N SER C 91 12.47 -33.01 31.36
CA SER C 91 13.10 -33.98 30.48
C SER C 91 13.57 -35.26 31.18
N SER C 92 13.44 -35.35 32.49
CA SER C 92 13.70 -36.61 33.20
C SER C 92 12.67 -37.64 32.77
N LYS C 93 11.44 -37.17 32.52
CA LYS C 93 10.32 -38.04 32.17
C LYS C 93 9.85 -37.99 30.71
N TYR C 94 9.97 -36.85 30.07
CA TYR C 94 9.53 -36.67 28.69
C TYR C 94 10.68 -36.41 27.71
N ARG C 95 10.51 -36.89 26.48
CA ARG C 95 11.32 -36.45 25.37
C ARG C 95 10.79 -35.04 25.04
N THR C 96 11.59 -34.04 25.36
CA THR C 96 11.17 -32.64 25.38
C THR C 96 11.74 -31.85 24.22
N TYR C 97 10.85 -31.23 23.45
CA TYR C 97 11.23 -30.40 22.32
C TYR C 97 10.86 -28.95 22.61
N ALA C 98 11.88 -28.11 22.75
CA ALA C 98 11.71 -26.68 22.98
C ALA C 98 11.82 -26.02 21.61
N VAL C 99 10.70 -25.49 21.11
CA VAL C 99 10.60 -24.97 19.75
C VAL C 99 10.65 -23.44 19.71
N ASP C 100 11.49 -22.91 18.82
CA ASP C 100 11.58 -21.48 18.62
C ASP C 100 10.43 -21.07 17.69
N ILE C 101 9.54 -20.24 18.24
CA ILE C 101 8.37 -19.75 17.53
C ILE C 101 8.78 -18.95 16.32
N ILE C 102 8.16 -19.27 15.19
CA ILE C 102 8.51 -18.66 13.92
C ILE C 102 8.13 -17.18 13.97
N GLY C 103 9.06 -16.31 13.59
CA GLY C 103 8.85 -14.86 13.59
C GLY C 103 9.23 -14.10 14.84
N ASP C 104 9.40 -14.79 15.96
CA ASP C 104 9.82 -14.14 17.19
C ASP C 104 11.35 -14.04 17.19
N LYS C 105 11.88 -13.24 18.11
CA LYS C 105 13.33 -13.06 18.25
C LYS C 105 13.95 -14.35 18.77
N ASN C 106 14.52 -15.13 17.86
CA ASN C 106 15.14 -16.40 18.20
C ASN C 106 15.89 -16.96 16.98
N LYS C 107 16.17 -18.26 16.97
CA LYS C 107 16.90 -18.91 15.86
C LYS C 107 16.04 -19.42 14.72
N SER C 108 14.72 -19.39 14.86
CA SER C 108 13.85 -19.82 13.76
C SER C 108 13.86 -18.78 12.62
N ILE C 109 13.72 -19.24 11.37
CA ILE C 109 13.81 -18.37 10.19
C ILE C 109 12.53 -18.40 9.34
N PRO C 110 11.66 -17.40 9.52
CA PRO C 110 10.37 -17.42 8.84
C PRO C 110 10.42 -17.15 7.33
N GLU C 111 9.52 -17.78 6.59
CA GLU C 111 9.35 -17.52 5.16
C GLU C 111 7.86 -17.54 4.81
N ASN C 112 7.39 -16.49 4.15
CA ASN C 112 6.01 -16.45 3.65
C ASN C 112 4.93 -16.61 4.74
N VAL C 113 5.04 -15.86 5.82
CA VAL C 113 4.02 -15.90 6.87
C VAL C 113 3.08 -14.71 6.69
N SER C 114 1.82 -14.99 6.38
CA SER C 114 0.83 -13.92 6.25
C SER C 114 0.53 -13.32 7.61
N GLY C 115 0.60 -14.13 8.67
CA GLY C 115 0.34 -13.66 10.03
C GLY C 115 -0.97 -14.14 10.66
N THR C 116 -1.67 -15.04 9.98
CA THR C 116 -2.94 -15.51 10.46
C THR C 116 -2.75 -16.60 11.50
N ARG C 117 -3.78 -16.77 12.35
CA ARG C 117 -3.75 -17.81 13.38
C ARG C 117 -3.74 -19.19 12.73
N THR C 118 -4.34 -19.29 11.56
CA THR C 118 -4.28 -20.49 10.72
C THR C 118 -2.84 -20.80 10.28
N ASP C 119 -2.14 -19.79 9.78
CA ASP C 119 -0.73 -19.93 9.45
C ASP C 119 0.06 -20.50 10.63
N TYR C 120 -0.10 -19.90 11.81
CA TYR C 120 0.64 -20.36 12.98
C TYR C 120 0.28 -21.76 13.42
N ALA C 121 -1.00 -22.13 13.26
CA ALA C 121 -1.43 -23.47 13.59
C ALA C 121 -0.80 -24.47 12.60
N ASN C 122 -0.82 -24.10 11.32
CA ASN C 122 -0.26 -24.95 10.30
C ASN C 122 1.22 -25.14 10.49
N TRP C 123 1.92 -24.05 10.79
CA TRP C 123 3.33 -24.11 11.14
C TRP C 123 3.58 -25.17 12.20
N LEU C 124 2.84 -25.09 13.30
CA LEU C 124 3.12 -26.01 14.41
C LEU C 124 2.74 -27.44 14.06
N LEU C 125 1.77 -27.63 13.16
CA LEU C 125 1.40 -28.98 12.73
C LEU C 125 2.56 -29.65 12.01
N ASP C 126 3.27 -28.84 11.22
CA ASP C 126 4.42 -29.26 10.44
C ASP C 126 5.56 -29.67 11.36
N VAL C 127 5.69 -28.96 12.47
CA VAL C 127 6.69 -29.28 13.49
C VAL C 127 6.39 -30.64 14.11
N PHE C 128 5.16 -30.83 14.57
CA PHE C 128 4.68 -32.13 15.07
C PHE C 128 4.96 -33.22 14.03
N ASP C 129 4.48 -33.00 12.81
CA ASP C 129 4.67 -33.99 11.75
C ASP C 129 6.15 -34.31 11.58
N ASN C 130 7.01 -33.30 11.47
CA ASN C 130 8.44 -33.56 11.21
C ASN C 130 9.22 -34.11 12.42
N LEU C 131 8.67 -33.97 13.62
CA LEU C 131 9.26 -34.61 14.80
C LEU C 131 8.66 -36.01 15.03
N GLY C 132 7.71 -36.41 14.19
CA GLY C 132 7.07 -37.71 14.34
C GLY C 132 6.20 -37.83 15.58
N ILE C 133 5.61 -36.72 16.00
CA ILE C 133 4.75 -36.67 17.16
C ILE C 133 3.31 -36.94 16.76
N GLU C 134 2.64 -37.89 17.38
CA GLU C 134 1.22 -38.10 17.14
CA GLU C 134 1.22 -38.05 17.10
C GLU C 134 0.44 -37.19 18.09
N LYS C 135 0.45 -37.56 19.37
CA LYS C 135 -0.17 -36.73 20.44
C LYS C 135 0.91 -36.35 21.43
N SER C 136 0.82 -35.17 22.01
CA SER C 136 1.85 -34.68 22.92
C SER C 136 1.28 -33.80 24.01
N HIS C 137 1.99 -33.78 25.14
CA HIS C 137 1.72 -32.80 26.18
C HIS C 137 2.37 -31.50 25.69
N ILE C 139 3.51 -27.27 26.91
CA ILE C 139 3.68 -26.18 27.86
C ILE C 139 4.01 -24.95 27.06
N GLY C 140 3.29 -23.87 27.33
CA GLY C 140 3.51 -22.59 26.70
C GLY C 140 3.37 -21.44 27.69
N LEU C 141 4.26 -20.46 27.56
CA LEU C 141 4.23 -19.26 28.41
C LEU C 141 4.16 -18.02 27.54
N SER C 142 3.39 -17.02 27.98
CA SER C 142 3.29 -15.72 27.25
C SER C 142 2.82 -15.98 25.79
N LEU C 143 3.62 -15.60 24.79
CA LEU C 143 3.31 -15.88 23.37
C LEU C 143 3.09 -17.39 23.12
N GLY C 144 3.90 -18.21 23.75
CA GLY C 144 3.79 -19.67 23.65
C GLY C 144 2.48 -20.21 24.18
N GLY C 145 1.92 -19.54 25.18
CA GLY C 145 0.63 -19.92 25.78
C GLY C 145 -0.51 -19.64 24.83
N LEU C 146 -0.42 -18.50 24.13
CA LEU C 146 -1.41 -18.11 23.10
C LEU C 146 -1.36 -19.05 21.89
N HIS C 147 -0.15 -19.41 21.49
CA HIS C 147 0.01 -20.41 20.43
C HIS C 147 -0.61 -21.76 20.79
N THR C 148 -0.39 -22.20 22.02
CA THR C 148 -0.89 -23.47 22.53
C THR C 148 -2.41 -23.53 22.61
N ASN C 150 -4.40 -21.65 20.78
CA ASN C 150 -4.80 -21.65 19.37
C ASN C 150 -4.73 -23.04 18.74
N PHE C 151 -3.63 -23.75 19.02
CA PHE C 151 -3.35 -25.08 18.48
C PHE C 151 -4.30 -26.14 19.05
N LEU C 152 -4.48 -26.19 20.36
CA LEU C 152 -5.38 -27.18 20.96
C LEU C 152 -6.85 -26.99 20.50
N LEU C 153 -7.22 -25.74 20.19
CA LEU C 153 -8.54 -25.45 19.64
C LEU C 153 -8.69 -25.94 18.19
N ARG C 154 -7.61 -25.92 17.43
CA ARG C 154 -7.62 -26.29 16.02
C ARG C 154 -7.26 -27.75 15.73
N PRO C 156 -7.05 -30.62 18.26
CA PRO C 156 -7.19 -31.28 19.56
C PRO C 156 -6.71 -32.72 19.57
N GLU C 157 -6.83 -33.39 18.43
CA GLU C 157 -6.39 -34.77 18.27
C GLU C 157 -4.86 -34.92 18.33
N ARG C 158 -4.14 -33.79 18.37
CA ARG C 158 -2.69 -33.82 18.52
C ARG C 158 -2.25 -33.41 19.93
N VAL C 159 -3.20 -33.17 20.83
CA VAL C 159 -2.84 -32.75 22.17
C VAL C 159 -3.38 -33.68 23.25
N LYS C 160 -2.50 -34.13 24.14
CA LYS C 160 -2.92 -34.91 25.29
C LYS C 160 -3.55 -33.96 26.31
N SER C 161 -2.74 -33.02 26.79
CA SER C 161 -3.18 -31.98 27.72
C SER C 161 -2.22 -30.79 27.57
N ALA C 162 -2.66 -29.60 27.99
CA ALA C 162 -1.84 -28.40 27.83
C ALA C 162 -1.73 -27.57 29.10
N ALA C 163 -0.51 -27.14 29.43
CA ALA C 163 -0.26 -26.23 30.53
C ALA C 163 -0.06 -24.88 29.90
N ILE C 164 -0.92 -23.92 30.23
CA ILE C 164 -0.84 -22.56 29.68
C ILE C 164 -0.44 -21.63 30.84
N LEU C 165 0.76 -21.05 30.71
CA LEU C 165 1.35 -20.20 31.73
C LEU C 165 1.36 -18.74 31.33
N SER C 166 0.72 -17.87 32.11
CA SER C 166 0.75 -16.42 31.82
C SER C 166 0.58 -16.07 30.32
N PRO C 167 -0.51 -16.53 29.70
CA PRO C 167 -0.60 -16.40 28.23
C PRO C 167 -0.66 -14.95 27.76
N ALA C 168 -0.12 -14.68 26.57
CA ALA C 168 -0.22 -13.35 25.98
C ALA C 168 -1.69 -13.16 25.63
N GLU C 169 -2.30 -12.08 26.08
CA GLU C 169 -3.74 -11.89 25.92
C GLU C 169 -4.52 -13.20 26.21
N THR C 170 -5.11 -13.84 25.20
CA THR C 170 -5.85 -15.11 25.36
C THR C 170 -7.17 -14.94 26.11
N PHE C 171 -7.12 -14.57 27.39
CA PHE C 171 -8.35 -14.30 28.16
C PHE C 171 -8.72 -12.81 28.27
N LEU C 172 -7.72 -11.95 28.26
CA LEU C 172 -7.98 -10.53 28.41
C LEU C 172 -7.05 -9.75 27.50
N PRO C 173 -7.46 -8.53 27.11
CA PRO C 173 -6.53 -7.67 26.35
C PRO C 173 -5.37 -7.23 27.21
N PHE C 174 -4.25 -6.88 26.59
CA PHE C 174 -3.11 -6.36 27.31
C PHE C 174 -3.50 -5.04 27.99
N HIS C 175 -3.07 -4.87 29.25
CA HIS C 175 -3.17 -3.59 29.89
C HIS C 175 -2.18 -2.68 29.12
N HIS C 176 -2.57 -1.41 28.92
CA HIS C 176 -1.74 -0.46 28.16
CA HIS C 176 -1.75 -0.42 28.19
C HIS C 176 -0.32 -0.26 28.71
N ASP C 177 -0.11 -0.57 29.99
CA ASP C 177 1.24 -0.50 30.60
C ASP C 177 2.25 -1.39 29.89
N PHE C 178 1.81 -2.58 29.49
CA PHE C 178 2.66 -3.51 28.76
C PHE C 178 3.28 -2.85 27.55
N TYR C 179 2.43 -2.19 26.78
CA TYR C 179 2.83 -1.47 25.56
C TYR C 179 3.81 -0.33 25.84
N LYS C 180 3.50 0.50 26.85
CA LYS C 180 4.36 1.61 27.26
C LYS C 180 5.77 1.12 27.64
N TYR C 181 5.86 0.04 28.40
CA TYR C 181 7.16 -0.54 28.70
C TYR C 181 7.80 -1.24 27.50
N ALA C 182 6.99 -1.87 26.66
CA ALA C 182 7.51 -2.57 25.49
C ALA C 182 8.10 -1.60 24.50
N LEU C 183 7.42 -0.49 24.30
CA LEU C 183 7.88 0.52 23.37
C LEU C 183 9.22 1.11 23.81
N GLY C 184 9.49 1.11 25.11
CA GLY C 184 10.72 1.66 25.68
C GLY C 184 11.88 0.68 25.68
N LEU C 185 11.65 -0.56 25.25
CA LEU C 185 12.72 -1.56 25.17
C LEU C 185 13.97 -1.12 24.41
N THR C 186 13.75 -0.31 23.37
CA THR C 186 14.77 0.19 22.45
C THR C 186 15.20 1.63 22.75
N ALA C 187 15.57 1.87 24.00
CA ALA C 187 16.06 3.15 24.45
C ALA C 187 17.10 2.81 25.47
N SER C 188 17.97 3.77 25.81
CA SER C 188 18.97 3.58 26.87
C SER C 188 18.25 3.11 28.13
N ASN C 189 18.75 2.04 28.75
CA ASN C 189 18.20 1.51 30.00
C ASN C 189 16.78 0.93 29.84
N GLY C 190 16.35 0.70 28.60
CA GLY C 190 14.99 0.25 28.33
C GLY C 190 14.73 -1.20 28.69
N VAL C 191 15.75 -2.04 28.55
CA VAL C 191 15.65 -3.46 28.91
C VAL C 191 15.65 -3.64 30.41
N GLU C 192 16.40 -2.81 31.13
CA GLU C 192 16.44 -2.90 32.58
C GLU C 192 15.09 -2.46 33.17
N THR C 193 14.56 -1.35 32.66
CA THR C 193 13.26 -0.85 33.04
C THR C 193 12.14 -1.88 32.77
N PHE C 194 12.18 -2.47 31.58
CA PHE C 194 11.15 -3.44 31.20
C PHE C 194 11.17 -4.62 32.14
N LEU C 195 12.37 -5.17 32.35
CA LEU C 195 12.54 -6.36 33.19
C LEU C 195 12.21 -6.14 34.66
N ASN C 196 12.55 -4.96 35.16
CA ASN C 196 12.24 -4.61 36.54
C ASN C 196 10.74 -4.47 36.77
N TRP C 197 10.03 -3.94 35.78
CA TRP C 197 8.56 -3.84 35.84
C TRP C 197 7.92 -5.25 35.83
N ASN C 200 8.98 -7.63 38.83
CA ASN C 200 8.59 -7.06 40.13
C ASN C 200 9.81 -6.57 40.90
N ASP C 201 10.80 -6.04 40.17
CA ASP C 201 12.08 -5.58 40.74
C ASP C 201 12.84 -6.68 41.50
N GLN C 202 12.63 -7.94 41.13
CA GLN C 202 13.25 -9.06 41.81
C GLN C 202 14.43 -9.58 41.00
N ASN C 203 15.48 -10.02 41.69
CA ASN C 203 16.71 -10.51 41.06
C ASN C 203 16.59 -12.01 40.73
N VAL C 204 16.16 -12.33 39.51
CA VAL C 204 15.78 -13.69 39.14
C VAL C 204 16.49 -14.28 37.92
N LEU C 205 16.64 -13.47 36.87
CA LEU C 205 17.19 -13.95 35.59
C LEU C 205 18.71 -14.04 35.64
N HIS C 206 19.27 -15.14 35.14
CA HIS C 206 20.73 -15.26 35.07
C HIS C 206 21.28 -14.14 34.16
N PRO C 207 22.43 -13.53 34.54
CA PRO C 207 23.01 -12.46 33.73
C PRO C 207 23.34 -12.88 32.28
N ILE C 208 23.64 -14.17 32.06
CA ILE C 208 23.92 -14.67 30.71
C ILE C 208 22.64 -14.59 29.85
N PHE C 209 21.53 -15.06 30.42
CA PHE C 209 20.24 -15.00 29.75
C PHE C 209 19.85 -13.56 29.43
N VAL C 210 20.04 -12.67 30.40
CA VAL C 210 19.75 -11.24 30.22
C VAL C 210 20.56 -10.65 29.04
N LYS C 211 21.83 -11.02 28.91
CA LYS C 211 22.64 -10.57 27.78
C LYS C 211 22.05 -11.01 26.46
N GLN C 212 21.46 -12.21 26.45
CA GLN C 212 20.81 -12.71 25.26
C GLN C 212 19.60 -11.87 24.95
N PHE C 213 18.75 -11.69 25.95
CA PHE C 213 17.54 -10.91 25.79
C PHE C 213 17.88 -9.52 25.19
N LYS C 214 18.92 -8.88 25.72
CA LYS C 214 19.40 -7.59 25.24
C LYS C 214 19.84 -7.57 23.76
N ALA C 215 20.66 -8.54 23.39
CA ALA C 215 21.14 -8.70 22.01
C ALA C 215 19.98 -8.96 21.07
N GLY C 216 18.97 -9.66 21.58
CA GLY C 216 17.76 -9.87 20.82
C GLY C 216 17.13 -8.52 20.54
N VAL C 217 16.92 -7.73 21.59
CA VAL C 217 16.29 -6.42 21.47
C VAL C 217 17.07 -5.52 20.50
N TRP C 219 18.92 -6.60 17.99
CA TRP C 219 18.90 -7.17 16.64
C TRP C 219 17.57 -6.84 15.96
N GLN C 220 17.58 -5.77 15.16
CA GLN C 220 16.36 -5.21 14.60
C GLN C 220 16.26 -5.26 13.08
N ASP C 221 17.25 -5.82 12.40
CA ASP C 221 17.22 -5.82 10.94
C ASP C 221 16.97 -7.19 10.33
N GLY C 222 16.60 -8.16 11.17
CA GLY C 222 16.28 -9.52 10.70
C GLY C 222 14.98 -9.60 9.93
N SER C 223 14.41 -10.79 9.83
CA SER C 223 13.15 -10.96 9.09
C SER C 223 12.08 -9.94 9.53
N ARG C 224 11.31 -9.45 8.57
CA ARG C 224 10.27 -8.48 8.84
C ARG C 224 9.07 -9.10 9.55
N ASN C 225 8.39 -8.32 10.36
CA ASN C 225 7.16 -8.76 11.01
C ASN C 225 6.05 -8.78 9.97
N PRO C 226 5.05 -9.66 10.15
CA PRO C 226 3.84 -9.46 9.37
C PRO C 226 3.14 -8.20 9.91
N ASN C 227 2.28 -7.60 9.11
CA ASN C 227 1.58 -6.38 9.55
C ASN C 227 0.55 -6.72 10.62
N PRO C 228 0.27 -5.79 11.54
CA PRO C 228 -0.79 -6.09 12.47
C PRO C 228 -2.02 -6.67 11.75
N ASN C 229 -2.62 -7.71 12.32
CA ASN C 229 -3.70 -8.44 11.65
C ASN C 229 -4.77 -8.85 12.68
N ALA C 230 -6.01 -8.40 12.49
CA ALA C 230 -7.09 -8.80 13.39
C ALA C 230 -7.26 -10.31 13.41
N ASP C 231 -6.85 -10.96 12.32
CA ASP C 231 -6.93 -12.43 12.20
C ASP C 231 -5.65 -13.14 12.62
N GLY C 232 -4.72 -12.42 13.26
CA GLY C 232 -3.45 -12.98 13.74
C GLY C 232 -3.32 -12.92 15.24
N PHE C 233 -2.09 -12.67 15.70
CA PHE C 233 -1.79 -12.53 17.14
C PHE C 233 -1.26 -11.11 17.43
N PRO C 234 -1.40 -10.64 18.69
CA PRO C 234 -2.06 -11.28 19.80
C PRO C 234 -3.56 -11.30 19.59
N TYR C 235 -4.23 -12.11 20.41
CA TYR C 235 -5.66 -12.35 20.25
C TYR C 235 -6.32 -12.67 21.59
N VAL C 236 -7.59 -12.27 21.73
CA VAL C 236 -8.44 -12.65 22.87
C VAL C 236 -9.55 -13.55 22.35
N PHE C 237 -9.59 -14.80 22.79
CA PHE C 237 -10.60 -15.75 22.28
C PHE C 237 -12.00 -15.37 22.80
N THR C 238 -13.03 -15.54 21.96
CA THR C 238 -14.40 -15.21 22.35
C THR C 238 -14.93 -16.19 23.40
N ASP C 239 -16.06 -15.87 24.00
CA ASP C 239 -16.68 -16.76 24.98
C ASP C 239 -16.90 -18.13 24.33
N GLU C 240 -17.40 -18.13 23.08
CA GLU C 240 -17.71 -19.38 22.41
C GLU C 240 -16.48 -20.20 22.00
N GLU C 241 -15.41 -19.52 21.62
CA GLU C 241 -14.15 -20.21 21.34
C GLU C 241 -13.65 -20.86 22.63
N LEU C 242 -13.70 -20.12 23.74
CA LEU C 242 -13.31 -20.72 25.03
C LEU C 242 -14.21 -21.93 25.40
N ARG C 243 -15.51 -21.86 25.09
CA ARG C 243 -16.39 -22.99 25.41
C ARG C 243 -16.02 -24.26 24.62
N SER C 244 -15.38 -24.06 23.47
CA SER C 244 -15.12 -25.12 22.51
C SER C 244 -13.88 -25.97 22.80
N ALA C 245 -13.05 -25.56 23.75
CA ALA C 245 -11.84 -26.31 24.10
C ALA C 245 -12.19 -27.74 24.48
N ARG C 246 -11.58 -28.72 23.81
CA ARG C 246 -11.92 -30.10 24.07
C ARG C 246 -10.80 -30.90 24.74
N VAL C 247 -9.67 -30.27 25.07
CA VAL C 247 -8.56 -30.99 25.72
C VAL C 247 -8.32 -30.40 27.11
N PRO C 248 -7.86 -31.24 28.06
CA PRO C 248 -7.67 -30.73 29.42
C PRO C 248 -6.59 -29.65 29.48
N ILE C 249 -6.89 -28.58 30.22
CA ILE C 249 -6.00 -27.46 30.35
C ILE C 249 -5.68 -27.12 31.80
N LEU C 250 -4.42 -26.78 32.04
CA LEU C 250 -3.94 -26.24 33.33
C LEU C 250 -3.54 -24.79 33.06
N LEU C 251 -4.17 -23.84 33.77
CA LEU C 251 -3.83 -22.41 33.67
C LEU C 251 -3.06 -21.98 34.93
N LEU C 252 -1.82 -21.52 34.75
CA LEU C 252 -1.05 -20.96 35.84
C LEU C 252 -0.79 -19.48 35.56
N LEU C 253 -1.14 -18.65 36.54
CA LEU C 253 -0.92 -17.21 36.50
C LEU C 253 -0.18 -16.84 37.80
N GLY C 254 0.42 -15.66 37.82
CA GLY C 254 1.16 -15.18 38.99
C GLY C 254 0.41 -14.03 39.65
N GLU C 255 0.39 -13.99 40.97
CA GLU C 255 -0.31 -12.89 41.67
C GLU C 255 0.17 -11.52 41.28
N HIS C 256 1.45 -11.42 40.97
CA HIS C 256 2.09 -10.14 40.63
C HIS C 256 2.13 -9.87 39.12
N GLU C 257 1.33 -10.62 38.36
CA GLU C 257 1.20 -10.40 36.92
C GLU C 257 0.96 -8.90 36.61
N VAL C 258 1.64 -8.39 35.57
CA VAL C 258 1.53 -6.98 35.18
C VAL C 258 0.83 -6.77 33.81
N ILE C 259 0.69 -7.80 32.98
CA ILE C 259 0.14 -7.56 31.64
C ILE C 259 -1.38 -7.50 31.59
N TYR C 260 -2.03 -7.93 32.67
CA TYR C 260 -3.49 -7.86 32.86
C TYR C 260 -3.74 -8.33 34.31
N ASP C 261 -4.97 -8.19 34.83
CA ASP C 261 -5.22 -8.69 36.18
C ASP C 261 -5.35 -10.21 36.12
N PRO C 262 -4.57 -10.91 36.93
CA PRO C 262 -4.58 -12.36 36.87
C PRO C 262 -5.86 -12.97 37.43
N HIS C 263 -6.45 -12.34 38.43
CA HIS C 263 -7.68 -12.88 39.02
C HIS C 263 -8.83 -12.74 38.04
N SER C 264 -8.83 -11.63 37.34
CA SER C 264 -9.81 -11.39 36.31
C SER C 264 -9.64 -12.40 35.15
N ALA C 265 -8.40 -12.73 34.80
CA ALA C 265 -8.12 -13.71 33.73
C ALA C 265 -8.59 -15.08 34.15
N LEU C 266 -8.30 -15.47 35.39
CA LEU C 266 -8.73 -16.78 35.90
C LEU C 266 -10.24 -16.92 35.93
N HIS C 267 -10.93 -15.84 36.30
CA HIS C 267 -12.40 -15.81 36.33
C HIS C 267 -13.00 -15.98 34.95
N ARG C 268 -12.43 -15.31 33.97
CA ARG C 268 -12.96 -15.44 32.62
C ARG C 268 -12.65 -16.84 32.10
N ALA C 269 -11.42 -17.30 32.29
CA ALA C 269 -11.05 -18.64 31.88
C ALA C 269 -11.98 -19.69 32.53
N SER C 270 -12.18 -19.58 33.84
CA SER C 270 -13.02 -20.55 34.56
CA SER C 270 -13.01 -20.55 34.57
C SER C 270 -14.48 -20.48 34.16
N SER C 271 -14.91 -19.31 33.69
CA SER C 271 -16.28 -19.11 33.26
C SER C 271 -16.61 -19.89 32.02
N PHE C 272 -15.62 -20.21 31.20
CA PHE C 272 -15.88 -20.75 29.86
C PHE C 272 -15.20 -22.02 29.45
N VAL C 273 -13.93 -22.20 29.82
CA VAL C 273 -13.21 -23.40 29.42
C VAL C 273 -13.71 -24.52 30.29
N PRO C 274 -14.31 -25.55 29.68
CA PRO C 274 -14.88 -26.58 30.53
C PRO C 274 -13.82 -27.39 31.28
N ASP C 275 -14.08 -27.61 32.57
CA ASP C 275 -13.26 -28.45 33.40
C ASP C 275 -11.80 -28.03 33.45
N ILE C 276 -11.53 -26.73 33.47
CA ILE C 276 -10.15 -26.24 33.54
C ILE C 276 -9.59 -26.44 34.97
N GLU C 277 -8.29 -26.72 35.07
CA GLU C 277 -7.58 -26.59 36.34
C GLU C 277 -6.88 -25.24 36.23
N ALA C 278 -6.98 -24.41 37.27
CA ALA C 278 -6.48 -23.02 37.19
C ALA C 278 -6.15 -22.48 38.56
N GLU C 279 -5.11 -21.65 38.63
CA GLU C 279 -4.71 -21.04 39.90
C GLU C 279 -3.80 -19.85 39.71
N VAL C 280 -3.91 -18.91 40.64
CA VAL C 280 -3.05 -17.76 40.68
C VAL C 280 -1.96 -18.06 41.72
N ILE C 281 -0.70 -18.06 41.27
CA ILE C 281 0.43 -18.50 42.09
C ILE C 281 1.06 -17.37 42.92
N LYS C 282 1.24 -17.63 44.22
CA LYS C 282 1.80 -16.65 45.16
C LYS C 282 3.32 -16.43 44.93
N ASN C 283 3.74 -15.17 45.12
CA ASN C 283 5.16 -14.75 44.96
C ASN C 283 5.72 -15.00 43.57
N ALA C 284 4.87 -14.79 42.59
CA ALA C 284 5.25 -14.94 41.20
C ALA C 284 4.44 -13.98 40.37
N GLY C 285 5.01 -13.57 39.25
CA GLY C 285 4.33 -12.69 38.30
C GLY C 285 4.22 -13.36 36.95
N HIS C 286 4.56 -12.63 35.91
CA HIS C 286 4.42 -13.08 34.54
C HIS C 286 5.32 -14.26 34.19
N VAL C 287 6.60 -14.19 34.51
CA VAL C 287 7.55 -15.26 34.14
C VAL C 287 7.70 -16.21 35.31
N LEU C 288 6.59 -16.86 35.64
CA LEU C 288 6.47 -17.68 36.84
C LEU C 288 7.32 -18.94 36.78
N SER C 289 7.63 -19.41 35.57
CA SER C 289 8.47 -20.60 35.39
C SER C 289 9.92 -20.38 35.81
N GLU C 291 10.65 -17.80 38.11
CA GLU C 291 10.51 -17.22 39.44
C GLU C 291 10.29 -18.26 40.51
N GLN C 292 9.45 -19.27 40.22
CA GLN C 292 9.13 -20.35 41.17
C GLN C 292 9.21 -21.73 40.55
N PRO C 293 10.38 -22.06 39.97
CA PRO C 293 10.58 -23.32 39.24
C PRO C 293 10.26 -24.58 40.02
N THR C 294 10.67 -24.65 41.29
CA THR C 294 10.37 -25.83 42.08
C THR C 294 8.85 -26.07 42.12
N TYR C 295 8.07 -25.08 42.53
CA TYR C 295 6.62 -25.26 42.59
C TYR C 295 6.04 -25.57 41.21
N VAL C 296 6.46 -24.80 40.23
CA VAL C 296 5.96 -24.88 38.86
C VAL C 296 6.31 -26.20 38.17
N ASN C 297 7.54 -26.66 38.34
CA ASN C 297 7.92 -27.95 37.75
C ASN C 297 7.02 -29.07 38.26
N GLU C 298 6.83 -29.13 39.58
CA GLU C 298 6.02 -30.17 40.21
C GLU C 298 4.58 -30.09 39.78
N ARG C 299 3.99 -28.89 39.87
CA ARG C 299 2.58 -28.66 39.57
C ARG C 299 2.18 -29.08 38.17
N VAL C 300 3.02 -28.78 37.19
CA VAL C 300 2.75 -29.16 35.79
C VAL C 300 2.91 -30.66 35.59
N ARG C 302 2.43 -32.95 37.82
CA ARG C 302 1.30 -33.55 38.51
C ARG C 302 0.07 -33.57 37.59
N PHE C 303 -0.14 -32.46 36.88
CA PHE C 303 -1.23 -32.34 35.91
C PHE C 303 -1.05 -33.33 34.74
N PHE C 304 0.17 -33.44 34.23
CA PHE C 304 0.45 -34.36 33.14
C PHE C 304 0.44 -35.81 33.57
N ASN C 305 0.71 -36.05 34.85
CA ASN C 305 0.75 -37.40 35.39
C ASN C 305 -0.66 -37.91 35.65
N ALA C 306 -1.55 -37.00 35.99
CA ALA C 306 -2.97 -37.30 36.25
C ALA C 306 -3.71 -37.55 34.93
N SER D 19 22.28 12.00 33.69
CA SER D 19 23.33 12.76 32.94
C SER D 19 23.32 12.44 31.44
N ILE D 20 23.90 13.35 30.68
CA ILE D 20 23.83 13.37 29.22
C ILE D 20 24.93 12.51 28.59
N PRO D 21 24.53 11.49 27.79
CA PRO D 21 25.56 10.71 27.06
C PRO D 21 26.15 11.51 25.90
N GLU D 22 27.41 11.24 25.52
CA GLU D 22 28.01 11.96 24.37
C GLU D 22 27.23 11.53 23.12
N LEU D 23 27.17 12.41 22.11
CA LEU D 23 26.35 12.13 20.93
C LEU D 23 26.95 10.98 20.14
N SER D 24 26.18 9.89 19.99
CA SER D 24 26.63 8.70 19.28
C SER D 24 26.57 8.95 17.80
N ASP D 25 27.03 7.98 17.00
CA ASP D 25 26.98 8.13 15.55
C ASP D 25 25.55 8.19 15.03
N ASN D 26 24.65 7.41 15.61
CA ASN D 26 23.24 7.49 15.21
C ASN D 26 22.65 8.84 15.61
N GLY D 27 23.13 9.38 16.74
CA GLY D 27 22.71 10.71 17.20
C GLY D 27 23.18 11.79 16.25
N ILE D 28 24.42 11.66 15.79
CA ILE D 28 25.01 12.56 14.84
C ILE D 28 24.23 12.52 13.51
N ARG D 29 23.94 11.32 13.03
CA ARG D 29 23.13 11.17 11.84
C ARG D 29 21.75 11.85 11.99
N TYR D 30 21.13 11.72 13.16
CA TYR D 30 19.82 12.36 13.43
C TYR D 30 19.94 13.89 13.40
N TYR D 31 20.96 14.41 14.05
CA TYR D 31 21.23 15.86 14.00
C TYR D 31 21.42 16.33 12.54
N GLN D 32 22.11 15.54 11.71
CA GLN D 32 22.28 15.86 10.27
C GLN D 32 20.92 15.94 9.57
N THR D 33 20.09 14.93 9.79
CA THR D 33 18.76 14.85 9.16
C THR D 33 17.84 15.98 9.65
N TYR D 34 17.97 16.35 10.92
CA TYR D 34 17.17 17.46 11.48
C TYR D 34 17.57 18.74 10.74
N ASN D 35 18.88 18.95 10.57
CA ASN D 35 19.36 20.12 9.84
C ASN D 35 18.89 20.19 8.40
N GLU D 36 18.91 19.07 7.69
CA GLU D 36 18.37 19.03 6.31
C GLU D 36 16.90 19.39 6.27
N SER D 37 16.11 18.83 7.19
CA SER D 37 14.68 19.12 7.27
C SER D 37 14.42 20.62 7.48
N LEU D 38 15.27 21.27 8.27
CA LEU D 38 15.12 22.73 8.43
C LEU D 38 15.35 23.52 7.13
N SER D 39 15.91 22.90 6.09
CA SER D 39 16.01 23.56 4.77
C SER D 39 14.64 23.68 4.10
N LEU D 40 13.64 22.95 4.63
CA LEU D 40 12.28 23.04 4.15
C LEU D 40 11.56 24.27 4.74
N TRP D 41 12.11 24.84 5.80
CA TRP D 41 11.55 26.02 6.47
C TRP D 41 11.63 27.21 5.50
N PRO D 42 10.48 27.77 5.10
CA PRO D 42 10.45 28.80 4.07
C PRO D 42 10.59 30.24 4.54
N VAL D 43 10.98 30.44 5.79
CA VAL D 43 11.08 31.78 6.35
C VAL D 43 12.34 31.83 7.18
N ARG D 44 12.82 33.04 7.46
CA ARG D 44 14.00 33.20 8.33
C ARG D 44 13.67 32.69 9.75
N CYS D 45 14.60 31.94 10.32
CA CYS D 45 14.41 31.44 11.66
C CYS D 45 15.72 31.46 12.43
N LYS D 46 15.64 31.11 13.71
CA LYS D 46 16.83 30.93 14.51
C LYS D 46 16.64 29.78 15.48
N SER D 47 17.72 29.05 15.71
CA SER D 47 17.74 27.94 16.64
C SER D 47 18.46 28.35 17.89
N PHE D 48 17.81 28.10 19.03
CA PHE D 48 18.40 28.41 20.31
C PHE D 48 17.89 27.49 21.40
N TYR D 49 18.54 27.60 22.56
CA TYR D 49 18.21 26.79 23.70
C TYR D 49 17.79 27.64 24.88
N ILE D 50 16.85 27.10 25.64
CA ILE D 50 16.33 27.73 26.84
CA ILE D 50 16.33 27.72 26.85
C ILE D 50 16.65 26.78 28.00
N SER D 51 17.35 27.32 29.00
CA SER D 51 17.73 26.54 30.19
C SER D 51 16.54 26.45 31.15
N THR D 52 16.24 25.23 31.62
CA THR D 52 15.13 24.99 32.55
C THR D 52 15.55 23.98 33.63
N ARG D 53 14.69 23.82 34.63
CA ARG D 53 14.87 22.81 35.70
C ARG D 53 15.01 21.42 35.14
N PHE D 54 14.44 21.23 33.96
CA PHE D 54 14.28 19.89 33.41
C PHE D 54 15.22 19.61 32.25
N GLY D 55 16.01 20.61 31.87
CA GLY D 55 16.95 20.44 30.76
C GLY D 55 17.03 21.62 29.82
N GLN D 56 17.73 21.40 28.72
CA GLN D 56 18.02 22.42 27.74
C GLN D 56 17.05 22.25 26.58
N THR D 57 16.12 23.19 26.47
CA THR D 57 15.06 23.07 25.49
C THR D 57 15.37 23.77 24.18
N HIS D 58 15.33 23.00 23.08
CA HIS D 58 15.54 23.55 21.74
C HIS D 58 14.26 24.21 21.22
N VAL D 59 14.43 25.41 20.65
CA VAL D 59 13.35 26.24 20.13
C VAL D 59 13.74 26.86 18.79
N ILE D 60 12.84 26.80 17.80
CA ILE D 60 13.05 27.51 16.53
C ILE D 60 12.14 28.71 16.60
N ALA D 61 12.70 29.91 16.46
CA ALA D 61 11.88 31.13 16.46
C ALA D 61 11.80 31.74 15.06
N SER D 62 10.59 32.14 14.69
CA SER D 62 10.27 32.77 13.39
C SER D 62 9.25 33.91 13.62
N GLY D 63 9.10 34.79 12.65
CA GLY D 63 8.15 35.91 12.71
C GLY D 63 8.75 37.24 13.13
N PRO D 64 7.93 38.31 13.16
CA PRO D 64 8.43 39.63 13.58
C PRO D 64 8.74 39.62 15.07
N GLU D 65 9.87 40.21 15.42
CA GLU D 65 10.42 40.16 16.77
C GLU D 65 9.42 40.61 17.84
N ASP D 66 8.66 41.64 17.53
CA ASP D 66 7.76 42.26 18.49
C ASP D 66 6.29 41.92 18.26
N ALA D 67 6.00 40.85 17.52
CA ALA D 67 4.62 40.48 17.29
C ALA D 67 4.09 39.66 18.45
N PRO D 68 2.77 39.48 18.54
CA PRO D 68 2.19 38.61 19.58
C PRO D 68 2.77 37.19 19.50
N PRO D 69 3.03 36.57 20.68
CA PRO D 69 3.63 35.24 20.69
C PRO D 69 2.70 34.07 20.36
N LEU D 70 3.29 33.08 19.73
CA LEU D 70 2.61 31.84 19.41
C LEU D 70 3.58 30.68 19.70
N VAL D 71 3.11 29.66 20.44
CA VAL D 71 3.90 28.49 20.79
C VAL D 71 3.35 27.27 20.08
N LEU D 72 4.26 26.56 19.40
CA LEU D 72 3.92 25.32 18.68
C LEU D 72 4.54 24.13 19.38
N LEU D 73 3.72 23.12 19.65
CA LEU D 73 4.14 21.87 20.25
C LEU D 73 3.82 20.73 19.26
N HIS D 74 4.88 20.07 18.81
CA HIS D 74 4.82 19.01 17.77
C HIS D 74 4.31 17.65 18.28
N GLY D 75 4.08 16.74 17.34
CA GLY D 75 3.67 15.39 17.67
C GLY D 75 4.86 14.52 18.01
N ALA D 76 4.57 13.40 18.65
CA ALA D 76 5.63 12.48 19.11
C ALA D 76 6.51 12.04 17.94
N LEU D 77 7.82 12.05 18.20
CA LEU D 77 8.88 11.60 17.26
C LEU D 77 9.10 12.44 15.99
N PHE D 78 8.30 13.47 15.79
CA PHE D 78 8.34 14.31 14.56
C PHE D 78 9.23 15.57 14.64
N SER D 79 9.36 16.07 15.86
CA SER D 79 10.13 17.30 16.16
C SER D 79 9.47 18.55 15.62
N SER D 80 10.03 19.70 15.98
CA SER D 80 9.51 20.99 15.52
C SER D 80 9.63 21.23 14.00
N THR D 81 10.45 20.43 13.31
CA THR D 81 10.63 20.54 11.84
C THR D 81 9.38 20.24 11.05
N TRP D 83 6.48 21.58 11.29
CA TRP D 83 5.69 22.77 10.99
C TRP D 83 6.04 23.46 9.67
N TYR D 84 6.88 22.85 8.84
CA TYR D 84 7.28 23.48 7.59
C TYR D 84 6.11 23.92 6.67
N PRO D 85 5.00 23.14 6.60
CA PRO D 85 3.92 23.55 5.70
C PRO D 85 2.98 24.62 6.28
N ASN D 86 3.21 25.00 7.53
CA ASN D 86 2.36 25.96 8.23
C ASN D 86 3.05 27.25 8.63
N ILE D 87 4.38 27.24 8.79
CA ILE D 87 5.10 28.37 9.43
C ILE D 87 5.10 29.71 8.65
N ALA D 88 5.13 29.66 7.32
CA ALA D 88 5.08 30.89 6.54
C ALA D 88 3.75 31.63 6.82
N ASP D 89 2.66 30.90 6.94
CA ASP D 89 1.36 31.54 7.23
C ASP D 89 1.29 32.03 8.67
N TRP D 90 1.70 31.18 9.60
CA TRP D 90 1.53 31.51 11.02
C TRP D 90 2.53 32.52 11.53
N SER D 91 3.76 32.45 11.07
CA SER D 91 4.79 33.41 11.50
C SER D 91 4.69 34.77 10.78
N SER D 92 3.76 34.92 9.84
CA SER D 92 3.63 36.19 9.17
C SER D 92 3.08 37.25 10.12
N LYS D 93 2.18 36.85 11.02
CA LYS D 93 1.60 37.79 12.00
C LYS D 93 2.06 37.54 13.45
N TYR D 94 2.56 36.34 13.74
CA TYR D 94 2.98 36.02 15.11
C TYR D 94 4.47 35.79 15.26
N ARG D 95 5.02 36.17 16.42
CA ARG D 95 6.37 35.75 16.78
C ARG D 95 6.18 34.31 17.26
N THR D 96 6.66 33.37 16.45
CA THR D 96 6.34 31.96 16.62
C THR D 96 7.50 31.18 17.20
N TYR D 97 7.23 30.44 18.27
CA TYR D 97 8.23 29.57 18.90
C TYR D 97 7.84 28.10 18.75
N ALA D 98 8.59 27.37 17.93
CA ALA D 98 8.40 25.91 17.81
C ALA D 98 9.32 25.26 18.83
N VAL D 99 8.71 24.64 19.85
CA VAL D 99 9.42 24.11 21.00
C VAL D 99 9.53 22.59 20.88
N ASP D 100 10.76 22.08 20.98
CA ASP D 100 11.01 20.64 20.97
C ASP D 100 10.72 20.12 22.38
N ILE D 101 9.70 19.27 22.47
CA ILE D 101 9.26 18.75 23.76
C ILE D 101 10.39 17.97 24.41
N ILE D 102 10.70 18.34 25.65
CA ILE D 102 11.82 17.79 26.42
C ILE D 102 11.56 16.33 26.71
N GLY D 103 12.53 15.50 26.36
CA GLY D 103 12.40 14.04 26.49
C GLY D 103 12.05 13.31 25.21
N ASP D 104 11.44 13.99 24.23
CA ASP D 104 11.01 13.36 22.98
C ASP D 104 12.18 13.29 21.98
N LYS D 105 11.99 12.62 20.84
CA LYS D 105 13.08 12.46 19.85
C LYS D 105 13.26 13.74 19.05
N ASN D 106 14.22 14.55 19.48
CA ASN D 106 14.49 15.86 18.89
C ASN D 106 15.80 16.48 19.43
N LYS D 107 15.99 17.78 19.28
CA LYS D 107 17.21 18.44 19.76
C LYS D 107 17.21 18.91 21.24
N SER D 108 16.09 18.74 21.95
CA SER D 108 16.06 19.09 23.38
C SER D 108 16.85 18.06 24.18
N ILE D 109 17.48 18.52 25.26
CA ILE D 109 18.36 17.68 26.05
C ILE D 109 17.78 17.57 27.47
N PRO D 110 17.16 16.42 27.78
CA PRO D 110 16.51 16.25 29.05
C PRO D 110 17.48 15.96 30.16
N GLU D 111 17.11 16.36 31.38
CA GLU D 111 17.89 16.09 32.58
C GLU D 111 16.98 15.74 33.73
N ASN D 112 16.96 14.45 34.09
CA ASN D 112 16.17 13.93 35.20
CA ASN D 112 16.17 13.97 35.24
C ASN D 112 14.72 14.45 35.15
N VAL D 113 14.06 14.21 34.02
CA VAL D 113 12.64 14.56 33.86
C VAL D 113 11.82 13.45 34.52
N SER D 114 10.96 13.80 35.47
CA SER D 114 10.17 12.79 36.19
C SER D 114 9.17 12.09 35.29
N GLY D 115 8.65 12.83 34.33
CA GLY D 115 7.62 12.30 33.42
C GLY D 115 6.22 12.62 33.91
N THR D 116 6.06 13.32 35.03
CA THR D 116 4.71 13.62 35.53
C THR D 116 4.07 14.79 34.80
N ARG D 117 2.74 14.79 34.78
CA ARG D 117 1.98 15.84 34.14
C ARG D 117 2.22 17.21 34.77
N THR D 118 2.38 17.24 36.10
CA THR D 118 2.68 18.48 36.79
C THR D 118 4.05 19.01 36.33
N ASP D 119 5.04 18.13 36.29
CA ASP D 119 6.37 18.56 35.86
C ASP D 119 6.41 19.04 34.40
N TYR D 120 5.66 18.42 33.51
CA TYR D 120 5.58 18.96 32.13
C TYR D 120 4.97 20.37 32.09
N ALA D 121 3.94 20.61 32.89
CA ALA D 121 3.36 21.95 32.95
C ALA D 121 4.39 22.93 33.49
N ASN D 122 5.13 22.50 34.51
CA ASN D 122 6.18 23.31 35.09
C ASN D 122 7.29 23.63 34.08
N TRP D 123 7.65 22.64 33.27
CA TRP D 123 8.65 22.82 32.23
C TRP D 123 8.22 23.94 31.27
N LEU D 124 6.99 23.86 30.76
CA LEU D 124 6.51 24.85 29.78
C LEU D 124 6.41 26.24 30.42
N LEU D 125 6.04 26.29 31.70
CA LEU D 125 6.06 27.56 32.47
C LEU D 125 7.43 28.21 32.42
N ASP D 126 8.47 27.41 32.69
CA ASP D 126 9.84 27.88 32.65
C ASP D 126 10.20 28.40 31.27
N VAL D 127 9.74 27.69 30.23
CA VAL D 127 9.97 28.11 28.86
C VAL D 127 9.32 29.50 28.63
N PHE D 128 8.06 29.62 29.02
CA PHE D 128 7.35 30.90 28.89
C PHE D 128 8.09 32.00 29.62
N ASP D 129 8.43 31.73 30.88
CA ASP D 129 9.13 32.69 31.70
C ASP D 129 10.46 33.13 31.10
N ASN D 130 11.25 32.19 30.60
CA ASN D 130 12.53 32.56 30.02
CA ASN D 130 12.54 32.51 29.96
C ASN D 130 12.33 33.37 28.73
N LEU D 131 11.30 33.05 27.94
CA LEU D 131 10.98 33.84 26.75
C LEU D 131 10.36 35.19 27.09
N GLY D 132 9.98 35.38 28.35
CA GLY D 132 9.41 36.63 28.85
C GLY D 132 7.95 36.81 28.47
N ILE D 133 7.24 35.70 28.32
CA ILE D 133 5.85 35.74 27.84
C ILE D 133 4.88 35.62 29.02
N GLU D 134 3.89 36.50 29.08
CA GLU D 134 2.84 36.41 30.11
C GLU D 134 1.76 35.46 29.59
N LYS D 135 1.17 35.76 28.43
CA LYS D 135 0.20 34.86 27.83
C LYS D 135 0.55 34.60 26.39
N SER D 136 0.13 33.43 25.89
CA SER D 136 0.36 33.09 24.50
C SER D 136 -0.75 32.28 23.87
N HIS D 137 -0.90 32.46 22.56
CA HIS D 137 -1.68 31.52 21.78
C HIS D 137 -0.87 30.23 21.72
N ILE D 139 -0.58 26.21 19.68
CA ILE D 139 -1.00 25.20 18.74
C ILE D 139 -0.25 23.92 19.03
N GLY D 140 -0.97 22.83 19.15
CA GLY D 140 -0.37 21.55 19.46
C GLY D 140 -0.96 20.41 18.71
N LEU D 141 -0.11 19.55 18.15
CA LEU D 141 -0.57 18.35 17.47
C LEU D 141 -0.10 17.06 18.14
N SER D 142 -1.04 16.13 18.28
CA SER D 142 -0.79 14.81 18.87
C SER D 142 -0.26 14.96 20.31
N LEU D 143 0.90 14.38 20.63
CA LEU D 143 1.54 14.61 21.93
C LEU D 143 1.51 16.10 22.35
N GLY D 144 1.79 17.00 21.43
CA GLY D 144 1.78 18.43 21.72
C GLY D 144 0.39 18.93 22.08
N GLY D 145 -0.63 18.36 21.45
CA GLY D 145 -2.02 18.70 21.78
C GLY D 145 -2.34 18.30 23.22
N LEU D 146 -1.79 17.17 23.64
CA LEU D 146 -1.96 16.66 25.02
C LEU D 146 -1.21 17.53 26.03
N HIS D 147 -0.01 17.94 25.68
CA HIS D 147 0.75 18.90 26.50
C HIS D 147 -0.03 20.21 26.65
N THR D 148 -0.63 20.66 25.54
CA THR D 148 -1.40 21.92 25.46
C THR D 148 -2.68 21.92 26.31
N ASN D 150 -3.20 19.85 28.91
CA ASN D 150 -2.70 19.76 30.29
C ASN D 150 -2.26 21.11 30.83
N PHE D 151 -1.50 21.87 30.03
CA PHE D 151 -1.00 23.21 30.40
C PHE D 151 -2.14 24.21 30.57
N LEU D 152 -3.04 24.28 29.60
CA LEU D 152 -4.17 25.22 29.69
C LEU D 152 -5.11 24.93 30.86
N LEU D 153 -5.27 23.66 31.19
CA LEU D 153 -6.07 23.28 32.36
C LEU D 153 -5.36 23.64 33.68
N ARG D 154 -4.03 23.63 33.72
CA ARG D 154 -3.30 23.96 34.95
C ARG D 154 -2.91 25.42 35.08
N PRO D 156 -4.32 28.40 33.05
CA PRO D 156 -5.13 29.14 32.09
C PRO D 156 -4.76 30.60 31.98
N GLU D 157 -4.25 31.16 33.06
CA GLU D 157 -3.82 32.56 33.04
C GLU D 157 -2.58 32.78 32.14
N ARG D 158 -2.01 31.70 31.59
CA ARG D 158 -0.86 31.84 30.69
C ARG D 158 -1.22 31.60 29.23
N VAL D 159 -2.50 31.33 28.97
CA VAL D 159 -2.98 30.98 27.63
C VAL D 159 -4.12 31.88 27.20
N LYS D 160 -3.97 32.50 26.03
CA LYS D 160 -5.02 33.33 25.41
C LYS D 160 -6.10 32.39 24.86
N SER D 161 -5.71 31.56 23.90
CA SER D 161 -6.59 30.48 23.39
C SER D 161 -5.71 29.41 22.77
N ALA D 162 -6.24 28.18 22.63
CA ALA D 162 -5.45 27.03 22.14
C ALA D 162 -6.13 26.27 21.01
N ALA D 163 -5.32 25.84 20.05
CA ALA D 163 -5.75 24.95 18.96
C ALA D 163 -5.13 23.56 19.19
N ILE D 164 -5.98 22.56 19.37
CA ILE D 164 -5.57 21.19 19.70
C ILE D 164 -5.93 20.37 18.47
N LEU D 165 -4.90 19.84 17.82
CA LEU D 165 -5.04 19.12 16.58
C LEU D 165 -4.75 17.64 16.86
N SER D 166 -5.73 16.75 16.64
CA SER D 166 -5.51 15.29 16.77
C SER D 166 -4.70 14.89 18.01
N PRO D 167 -5.15 15.26 19.21
CA PRO D 167 -4.30 15.06 20.38
C PRO D 167 -4.07 13.58 20.75
N ALA D 168 -2.94 13.33 21.43
CA ALA D 168 -2.64 12.00 21.90
C ALA D 168 -3.60 11.79 23.05
N GLU D 169 -4.36 10.69 22.99
CA GLU D 169 -5.42 10.40 23.94
C GLU D 169 -6.25 11.68 24.25
N THR D 170 -6.19 12.19 25.49
CA THR D 170 -6.90 13.42 25.90
C THR D 170 -8.43 13.21 26.07
N PHE D 171 -9.14 12.90 24.99
CA PHE D 171 -10.57 12.57 25.06
C PHE D 171 -10.89 11.08 25.09
N LEU D 172 -10.08 10.29 24.40
CA LEU D 172 -10.30 8.86 24.30
C LEU D 172 -8.98 8.16 24.43
N PRO D 173 -8.97 6.93 24.96
CA PRO D 173 -7.73 6.17 25.01
C PRO D 173 -7.30 5.69 23.61
N PHE D 174 -6.01 5.35 23.48
CA PHE D 174 -5.51 4.89 22.21
C PHE D 174 -6.14 3.53 21.86
N HIS D 175 -6.47 3.39 20.58
CA HIS D 175 -6.83 2.10 20.03
C HIS D 175 -5.52 1.31 19.99
N HIS D 176 -5.61 0.01 20.23
CA HIS D 176 -4.42 -0.85 20.37
C HIS D 176 -3.60 -0.99 19.09
N ASP D 177 -4.22 -0.81 17.94
CA ASP D 177 -3.48 -0.80 16.69
C ASP D 177 -2.34 0.22 16.73
N PHE D 178 -2.58 1.39 17.31
CA PHE D 178 -1.51 2.38 17.44
C PHE D 178 -0.26 1.76 18.05
N TYR D 179 -0.46 1.00 19.13
CA TYR D 179 0.64 0.38 19.84
C TYR D 179 1.29 -0.72 19.04
N LYS D 180 0.47 -1.53 18.38
CA LYS D 180 0.96 -2.62 17.55
C LYS D 180 1.80 -2.09 16.37
N TYR D 181 1.34 -1.03 15.74
CA TYR D 181 2.12 -0.42 14.66
C TYR D 181 3.37 0.29 15.17
N ALA D 182 3.27 0.94 16.33
CA ALA D 182 4.41 1.63 16.93
C ALA D 182 5.51 0.63 17.36
N LEU D 183 5.10 -0.49 17.95
CA LEU D 183 6.07 -1.51 18.35
C LEU D 183 6.89 -2.03 17.17
N GLY D 184 6.37 -1.94 15.95
CA GLY D 184 7.11 -2.36 14.75
C GLY D 184 7.98 -1.29 14.11
N LEU D 185 8.06 -0.08 14.69
CA LEU D 185 8.84 0.98 14.05
C LEU D 185 10.31 0.67 13.89
N THR D 186 10.93 -0.11 14.78
N THR D 186 10.89 0.02 14.91
CA THR D 186 12.37 -0.38 14.67
CA THR D 186 12.28 -0.38 14.96
C THR D 186 12.73 -1.49 13.67
C THR D 186 12.35 -1.80 14.44
N ALA D 187 11.76 -2.34 13.35
N ALA D 187 12.12 -1.95 13.14
CA ALA D 187 12.02 -3.47 12.45
CA ALA D 187 12.13 -3.23 12.46
C ALA D 187 12.25 -3.00 11.04
C ALA D 187 12.31 -2.94 10.99
N SER D 188 12.73 -3.93 10.21
CA SER D 188 12.96 -3.68 8.80
C SER D 188 11.62 -3.28 8.22
N ASN D 189 11.58 -2.14 7.50
CA ASN D 189 10.34 -1.66 6.88
C ASN D 189 9.29 -1.11 7.85
N GLY D 190 9.64 -0.99 9.13
CA GLY D 190 8.70 -0.59 10.19
C GLY D 190 8.16 0.82 10.09
N VAL D 191 9.03 1.73 9.67
CA VAL D 191 8.67 3.12 9.43
C VAL D 191 7.72 3.22 8.25
N GLU D 192 8.02 2.52 7.17
CA GLU D 192 7.16 2.54 5.99
C GLU D 192 5.77 2.00 6.35
N THR D 193 5.74 0.93 7.14
CA THR D 193 4.47 0.31 7.54
C THR D 193 3.66 1.26 8.41
N PHE D 194 4.32 1.84 9.41
CA PHE D 194 3.66 2.74 10.34
C PHE D 194 3.03 3.91 9.60
N LEU D 195 3.81 4.57 8.75
CA LEU D 195 3.33 5.73 8.02
CA LEU D 195 3.35 5.73 7.99
C LEU D 195 2.24 5.37 7.02
N ASN D 196 2.31 4.19 6.42
CA ASN D 196 1.28 3.79 5.47
C ASN D 196 -0.06 3.61 6.16
N TRP D 197 0.01 3.13 7.40
CA TRP D 197 -1.17 2.92 8.21
C TRP D 197 -1.76 4.23 8.67
N ASN D 200 -2.85 6.66 5.65
CA ASN D 200 -3.84 6.12 4.69
CA ASN D 200 -3.77 6.03 4.72
C ASN D 200 -3.22 5.95 3.29
N ASP D 201 -2.02 5.37 3.24
CA ASP D 201 -1.29 5.10 2.01
C ASP D 201 -1.03 6.30 1.09
N GLN D 202 -1.09 7.51 1.63
CA GLN D 202 -0.83 8.72 0.84
C GLN D 202 0.64 9.11 0.98
N ASN D 203 1.16 9.83 -0.02
CA ASN D 203 2.57 10.28 -0.01
C ASN D 203 2.62 11.79 0.20
N VAL D 204 2.38 12.21 1.43
CA VAL D 204 2.20 13.62 1.77
C VAL D 204 3.44 14.24 2.39
N LEU D 205 4.19 13.44 3.15
CA LEU D 205 5.40 13.91 3.83
C LEU D 205 6.56 14.09 2.85
N HIS D 206 7.33 15.15 3.03
CA HIS D 206 8.49 15.40 2.18
C HIS D 206 9.49 14.28 2.47
N PRO D 207 10.13 13.73 1.42
CA PRO D 207 11.12 12.65 1.67
C PRO D 207 12.26 13.01 2.65
N ILE D 208 12.60 14.29 2.77
CA ILE D 208 13.64 14.72 3.69
CA ILE D 208 13.63 14.75 3.69
C ILE D 208 13.14 14.63 5.13
N PHE D 209 11.89 15.02 5.35
CA PHE D 209 11.28 14.91 6.66
C PHE D 209 11.15 13.43 7.06
N VAL D 210 10.82 12.58 6.09
CA VAL D 210 10.72 11.14 6.36
C VAL D 210 12.07 10.53 6.77
N LYS D 211 13.16 10.93 6.10
CA LYS D 211 14.50 10.44 6.48
C LYS D 211 14.84 10.81 7.92
N GLN D 212 14.41 11.99 8.36
CA GLN D 212 14.67 12.46 9.74
C GLN D 212 13.93 11.59 10.76
N PHE D 213 12.64 11.37 10.48
CA PHE D 213 11.81 10.53 11.32
C PHE D 213 12.44 9.13 11.50
N LYS D 214 12.88 8.56 10.40
CA LYS D 214 13.59 7.28 10.39
C LYS D 214 14.91 7.34 11.19
N ALA D 215 15.71 8.38 10.97
CA ALA D 215 16.96 8.54 11.73
C ALA D 215 16.71 8.69 13.24
N GLY D 216 15.59 9.30 13.62
CA GLY D 216 15.22 9.45 15.01
C GLY D 216 14.90 8.06 15.57
N VAL D 217 14.10 7.30 14.83
CA VAL D 217 13.75 5.93 15.23
C VAL D 217 14.99 5.06 15.44
N TRP D 219 17.96 6.17 16.34
CA TRP D 219 18.78 6.75 17.39
C TRP D 219 18.21 6.33 18.74
N GLN D 220 18.81 5.29 19.32
CA GLN D 220 18.28 4.63 20.50
C GLN D 220 19.19 4.66 21.73
N ASP D 221 20.32 5.36 21.64
CA ASP D 221 21.33 5.38 22.71
C ASP D 221 21.53 6.78 23.29
N GLY D 222 20.54 7.63 23.12
CA GLY D 222 20.59 8.97 23.70
C GLY D 222 20.14 8.87 25.14
N SER D 223 19.33 9.84 25.55
CA SER D 223 18.82 9.89 26.91
C SER D 223 17.74 8.83 27.19
N ARG D 224 17.54 8.54 28.47
CA ARG D 224 16.51 7.63 28.91
C ARG D 224 15.13 8.24 28.76
N ASN D 225 14.12 7.39 28.73
CA ASN D 225 12.74 7.83 28.79
C ASN D 225 12.37 7.82 30.26
N PRO D 226 11.57 8.80 30.70
CA PRO D 226 11.08 8.61 32.06
C PRO D 226 10.30 7.30 32.09
N ASN D 227 10.21 6.69 33.25
CA ASN D 227 9.44 5.44 33.34
C ASN D 227 7.96 5.70 33.04
N PRO D 228 7.25 4.66 32.56
CA PRO D 228 5.81 4.79 32.48
C PRO D 228 5.26 5.17 33.84
N ASN D 229 4.10 5.82 33.83
CA ASN D 229 3.57 6.46 35.02
C ASN D 229 2.13 6.89 34.76
N ALA D 230 1.22 6.43 35.63
CA ALA D 230 -0.20 6.83 35.60
C ALA D 230 -0.35 8.33 35.74
N ASP D 231 0.60 8.95 36.44
CA ASP D 231 0.56 10.40 36.65
C ASP D 231 1.32 11.15 35.58
N GLY D 232 1.74 10.43 34.53
CA GLY D 232 2.37 11.02 33.34
C GLY D 232 1.47 11.00 32.11
N PHE D 233 2.09 11.01 30.94
CA PHE D 233 1.40 10.91 29.65
C PHE D 233 1.73 9.54 29.02
N PRO D 234 0.86 9.04 28.14
CA PRO D 234 -0.39 9.63 27.69
C PRO D 234 -1.47 9.58 28.77
N TYR D 235 -2.47 10.45 28.65
CA TYR D 235 -3.55 10.57 29.65
C TYR D 235 -4.90 10.98 29.04
N VAL D 236 -5.98 10.46 29.63
CA VAL D 236 -7.35 10.80 29.23
C VAL D 236 -7.92 11.61 30.39
N PHE D 237 -8.36 12.84 30.10
CA PHE D 237 -8.87 13.74 31.13
C PHE D 237 -10.26 13.31 31.56
N THR D 238 -10.56 13.44 32.85
CA THR D 238 -11.89 13.10 33.36
C THR D 238 -12.91 14.13 32.93
N ASP D 239 -14.18 13.81 33.11
CA ASP D 239 -15.26 14.71 32.75
C ASP D 239 -15.09 15.97 33.56
N GLU D 240 -14.75 15.85 34.85
CA GLU D 240 -14.62 17.07 35.64
C GLU D 240 -13.41 17.93 35.22
N GLU D 241 -12.37 17.28 34.71
CA GLU D 241 -11.22 18.02 34.21
C GLU D 241 -11.59 18.80 32.95
N LEU D 242 -12.32 18.15 32.06
CA LEU D 242 -12.75 18.81 30.84
C LEU D 242 -13.65 19.99 31.15
N ARG D 243 -14.57 19.80 32.11
CA ARG D 243 -15.47 20.89 32.55
C ARG D 243 -14.73 22.06 33.20
N SER D 244 -13.49 21.88 33.68
CA SER D 244 -12.74 23.00 34.26
C SER D 244 -12.13 23.96 33.23
N ALA D 245 -12.11 23.62 31.95
CA ALA D 245 -11.45 24.48 30.96
C ALA D 245 -12.08 25.86 31.00
N ARG D 246 -11.23 26.89 30.96
CA ARG D 246 -11.64 28.28 31.02
CA ARG D 246 -11.66 28.29 31.00
C ARG D 246 -10.93 29.10 29.93
N VAL D 247 -10.48 28.45 28.87
CA VAL D 247 -9.83 29.18 27.79
C VAL D 247 -10.50 28.70 26.53
N PRO D 248 -10.60 29.58 25.52
CA PRO D 248 -11.17 29.16 24.25
C PRO D 248 -10.28 28.13 23.52
N ILE D 249 -10.90 27.02 23.12
CA ILE D 249 -10.24 25.94 22.42
C ILE D 249 -10.85 25.68 21.02
N LEU D 250 -9.98 25.32 20.09
CA LEU D 250 -10.35 24.80 18.77
C LEU D 250 -9.79 23.39 18.65
N LEU D 251 -10.67 22.42 18.55
CA LEU D 251 -10.30 21.02 18.35
C LEU D 251 -10.52 20.66 16.90
N LEU D 252 -9.43 20.31 16.19
CA LEU D 252 -9.55 19.77 14.83
C LEU D 252 -9.07 18.33 14.85
N LEU D 253 -9.82 17.50 14.16
CA LEU D 253 -9.61 16.08 14.06
C LEU D 253 -9.74 15.72 12.60
N GLY D 254 -9.21 14.55 12.24
CA GLY D 254 -9.28 14.04 10.89
C GLY D 254 -10.31 12.93 10.73
N GLU D 255 -11.07 12.99 9.63
CA GLU D 255 -12.03 11.96 9.32
C GLU D 255 -11.39 10.60 9.19
N HIS D 256 -10.16 10.56 8.71
CA HIS D 256 -9.44 9.30 8.54
C HIS D 256 -8.51 9.00 9.71
N GLU D 257 -8.83 9.50 10.89
CA GLU D 257 -8.02 9.25 12.09
C GLU D 257 -7.99 7.75 12.42
N VAL D 258 -6.81 7.24 12.79
CA VAL D 258 -6.61 5.83 13.16
C VAL D 258 -6.30 5.54 14.65
N ILE D 259 -5.91 6.55 15.44
CA ILE D 259 -5.56 6.30 16.85
C ILE D 259 -6.79 6.17 17.75
N TYR D 260 -7.94 6.65 17.27
CA TYR D 260 -9.22 6.54 17.99
C TYR D 260 -10.30 7.00 17.02
N ASP D 261 -11.57 6.90 17.44
CA ASP D 261 -12.71 7.24 16.59
C ASP D 261 -12.87 8.73 16.70
N PRO D 262 -12.61 9.47 15.60
CA PRO D 262 -12.64 10.93 15.61
C PRO D 262 -14.02 11.50 15.99
N HIS D 263 -15.10 10.81 15.60
CA HIS D 263 -16.44 11.33 15.93
C HIS D 263 -16.76 11.09 17.40
N SER D 264 -16.31 9.97 17.93
CA SER D 264 -16.44 9.73 19.35
C SER D 264 -15.67 10.77 20.17
N ALA D 265 -14.47 11.12 19.72
CA ALA D 265 -13.66 12.14 20.37
C ALA D 265 -14.35 13.49 20.34
N LEU D 266 -14.88 13.88 19.18
CA LEU D 266 -15.53 15.20 18.98
C LEU D 266 -16.78 15.36 19.85
N HIS D 267 -17.59 14.31 19.92
CA HIS D 267 -18.76 14.28 20.78
C HIS D 267 -18.37 14.45 22.25
N ARG D 268 -17.34 13.74 22.70
CA ARG D 268 -16.95 13.81 24.11
C ARG D 268 -16.45 15.21 24.47
N ALA D 269 -15.67 15.81 23.57
CA ALA D 269 -15.13 17.15 23.77
C ALA D 269 -16.25 18.17 23.83
N SER D 270 -17.20 18.07 22.89
CA SER D 270 -18.31 19.02 22.86
C SER D 270 -19.23 18.87 24.05
N SER D 271 -19.35 17.64 24.57
CA SER D 271 -20.19 17.39 25.73
C SER D 271 -19.66 18.03 27.01
N PHE D 272 -18.35 18.14 27.16
CA PHE D 272 -17.77 18.63 28.43
C PHE D 272 -16.97 19.93 28.43
N VAL D 273 -16.28 20.25 27.35
CA VAL D 273 -15.41 21.43 27.33
C VAL D 273 -16.21 22.69 27.03
N PRO D 274 -16.26 23.63 27.99
CA PRO D 274 -17.08 24.82 27.80
C PRO D 274 -16.65 25.67 26.61
N ASP D 275 -17.60 26.02 25.75
CA ASP D 275 -17.37 26.92 24.60
C ASP D 275 -16.41 26.43 23.49
N ILE D 276 -16.07 25.14 23.47
CA ILE D 276 -15.17 24.61 22.46
C ILE D 276 -15.77 24.64 21.04
N GLU D 277 -14.96 25.06 20.07
CA GLU D 277 -15.26 24.94 18.64
C GLU D 277 -14.51 23.69 18.19
N ALA D 278 -15.22 22.70 17.67
CA ALA D 278 -14.61 21.41 17.27
C ALA D 278 -15.15 20.95 15.92
N GLU D 279 -14.33 20.23 15.16
CA GLU D 279 -14.74 19.73 13.86
C GLU D 279 -13.83 18.62 13.36
N VAL D 280 -14.42 17.67 12.65
CA VAL D 280 -13.70 16.57 12.01
C VAL D 280 -13.48 17.05 10.61
N ILE D 281 -12.22 17.14 10.20
CA ILE D 281 -11.86 17.65 8.87
C ILE D 281 -11.85 16.56 7.81
N LYS D 282 -12.26 16.94 6.60
CA LYS D 282 -12.32 16.01 5.46
C LYS D 282 -10.96 15.85 4.78
N ASN D 283 -10.71 14.64 4.25
CA ASN D 283 -9.49 14.36 3.51
C ASN D 283 -8.21 14.57 4.34
N ALA D 284 -8.32 14.28 5.63
CA ALA D 284 -7.21 14.35 6.55
C ALA D 284 -7.40 13.25 7.58
N GLY D 285 -6.31 12.90 8.26
CA GLY D 285 -6.32 11.91 9.30
C GLY D 285 -5.61 12.47 10.52
N HIS D 286 -4.68 11.71 11.07
CA HIS D 286 -3.98 12.14 12.27
C HIS D 286 -3.11 13.39 12.11
N VAL D 287 -2.28 13.44 11.08
CA VAL D 287 -1.30 14.53 10.91
C VAL D 287 -1.89 15.55 9.95
N LEU D 288 -3.03 16.08 10.36
CA LEU D 288 -3.85 16.96 9.51
C LEU D 288 -3.18 18.29 9.14
N SER D 289 -2.21 18.71 9.93
CA SER D 289 -1.50 19.97 9.68
C SER D 289 -0.58 19.85 8.46
N GLU D 291 -1.37 17.37 6.09
CA GLU D 291 -2.22 16.79 5.07
C GLU D 291 -3.08 17.87 4.39
N GLN D 292 -3.54 18.83 5.17
CA GLN D 292 -4.37 19.92 4.64
C GLN D 292 -3.88 21.26 5.18
N PRO D 293 -2.62 21.59 4.88
CA PRO D 293 -2.10 22.84 5.41
C PRO D 293 -2.92 24.07 5.05
N THR D 294 -3.38 24.19 3.81
CA THR D 294 -4.10 25.39 3.39
C THR D 294 -5.35 25.62 4.25
N TYR D 295 -6.18 24.58 4.39
CA TYR D 295 -7.37 24.69 5.23
C TYR D 295 -7.02 24.92 6.70
N VAL D 296 -6.16 24.07 7.25
CA VAL D 296 -5.79 24.17 8.66
C VAL D 296 -5.11 25.49 9.00
N ASN D 297 -4.20 25.97 8.14
CA ASN D 297 -3.52 27.22 8.44
C ASN D 297 -4.52 28.35 8.62
N GLU D 298 -5.51 28.42 7.73
CA GLU D 298 -6.46 29.55 7.77
C GLU D 298 -7.47 29.38 8.87
N ARG D 299 -7.95 28.16 9.07
CA ARG D 299 -8.94 27.86 10.13
C ARG D 299 -8.41 28.25 11.50
N VAL D 300 -7.17 27.88 11.79
CA VAL D 300 -6.53 28.24 13.08
C VAL D 300 -6.36 29.78 13.25
N ARG D 302 -7.99 32.18 11.81
CA ARG D 302 -9.30 32.80 11.92
C ARG D 302 -9.82 32.63 13.35
N PHE D 303 -9.61 31.44 13.91
CA PHE D 303 -9.96 31.18 15.32
C PHE D 303 -9.26 32.13 16.27
N PHE D 304 -7.96 32.34 16.07
CA PHE D 304 -7.21 33.26 16.95
C PHE D 304 -7.49 34.73 16.68
N ASN D 305 -7.81 35.08 15.44
CA ASN D 305 -7.93 36.48 15.06
C ASN D 305 -9.32 37.05 15.29
N ALA D 306 -10.23 36.26 15.85
CA ALA D 306 -11.63 36.69 16.09
C ALA D 306 -11.71 37.98 16.90
#